data_2CWH
#
_entry.id   2CWH
#
_cell.length_a   66.972
_cell.length_b   68.874
_cell.length_c   179.333
_cell.angle_alpha   90.00
_cell.angle_beta   90.00
_cell.angle_gamma   90.00
#
_symmetry.space_group_name_H-M   'P 21 21 21'
#
loop_
_entity.id
_entity.type
_entity.pdbx_description
1 polymer 'delta1-piperideine-2-carboxylate reductase'
2 non-polymer 'NADPH DIHYDRO-NICOTINAMIDE-ADENINE-DINUCLEOTIDE PHOSPHATE'
3 non-polymer PYRROLE-2-CARBOXYLATE
4 water water
#
_entity_poly.entity_id   1
_entity_poly.type   'polypeptide(L)'
_entity_poly.pdbx_seq_one_letter_code
;MSASHADQPTQTVSYPQLIDLLRRIFVVHGTSPEVADVLAENCASAQRDGSHSHGIFRIPGYLSSLASGWVDGKAVPVVE
DVGAAFVRVDACNGFAQPALAAARSLLIDKARSAGVAILAIRGSHHFAALWPDVEPFAEQGLVALSMVNSMTCVVPHGAR
QPLFGTNPIAFGAPRAGGEPIVFDLATSAIAHGDVQIAAREGRLLPAGMGVDRDGLPTQEPRAILDGGALLPFGGHKGSA
LSMMVELLAAGLTGGNFSFEFDWSKHPGAQTPWTGQLLIVIDPDKGAGQHFAQRSEELVRQLHGVGQERLPGDRRYLERA
RSMAHGIVIAQADLERLQELAGH
;
_entity_poly.pdbx_strand_id   A,B
#
loop_
_chem_comp.id
_chem_comp.type
_chem_comp.name
_chem_comp.formula
NDP non-polymer 'NADPH DIHYDRO-NICOTINAMIDE-ADENINE-DINUCLEOTIDE PHOSPHATE' 'C21 H30 N7 O17 P3'
PYC non-polymer PYRROLE-2-CARBOXYLATE 'C5 H4 N O2 -1'
#
# COMPACT_ATOMS: atom_id res chain seq x y z
N THR A 10 1.48 -27.12 30.11
CA THR A 10 0.86 -26.98 28.76
C THR A 10 0.43 -28.33 28.20
N GLN A 11 -0.07 -28.31 26.97
CA GLN A 11 -0.53 -29.52 26.31
C GLN A 11 -0.19 -29.43 24.83
N THR A 12 -0.63 -30.40 24.05
CA THR A 12 -0.38 -30.42 22.62
C THR A 12 -1.59 -30.97 21.87
N VAL A 13 -2.08 -30.19 20.92
CA VAL A 13 -3.24 -30.59 20.12
C VAL A 13 -2.86 -30.50 18.65
N SER A 14 -3.24 -31.50 17.87
CA SER A 14 -2.93 -31.50 16.45
C SER A 14 -3.77 -30.46 15.74
N TYR A 15 -3.28 -29.99 14.60
CA TYR A 15 -3.99 -29.00 13.82
C TYR A 15 -5.42 -29.47 13.50
N PRO A 16 -5.57 -30.69 12.96
CA PRO A 16 -6.91 -31.17 12.63
C PRO A 16 -7.83 -31.31 13.85
N GLN A 17 -7.26 -31.62 15.01
CA GLN A 17 -8.06 -31.75 16.23
C GLN A 17 -8.54 -30.38 16.67
N LEU A 18 -7.68 -29.37 16.53
CA LEU A 18 -8.04 -28.02 16.93
C LEU A 18 -9.17 -27.49 16.06
N ILE A 19 -9.11 -27.80 14.76
CA ILE A 19 -10.16 -27.37 13.84
C ILE A 19 -11.49 -28.00 14.28
N ASP A 20 -11.48 -29.30 14.56
CA ASP A 20 -12.69 -29.98 14.98
C ASP A 20 -13.23 -29.41 16.29
N LEU A 21 -12.33 -29.11 17.21
CA LEU A 21 -12.71 -28.57 18.51
C LEU A 21 -13.39 -27.21 18.35
N LEU A 22 -12.77 -26.34 17.56
CA LEU A 22 -13.33 -25.00 17.33
C LEU A 22 -14.61 -25.06 16.52
N ARG A 23 -14.69 -26.00 15.57
CA ARG A 23 -15.90 -26.12 14.76
C ARG A 23 -17.09 -26.43 15.65
N ARG A 24 -16.87 -27.34 16.60
CA ARG A 24 -17.93 -27.74 17.53
C ARG A 24 -18.38 -26.53 18.36
N ILE A 25 -17.42 -25.75 18.83
CA ILE A 25 -17.71 -24.56 19.62
C ILE A 25 -18.62 -23.59 18.88
N PHE A 26 -18.28 -23.30 17.63
CA PHE A 26 -19.09 -22.36 16.84
C PHE A 26 -20.50 -22.89 16.62
N VAL A 27 -20.63 -24.18 16.31
CA VAL A 27 -21.93 -24.77 16.09
C VAL A 27 -22.75 -24.70 17.38
N VAL A 28 -22.12 -25.05 18.49
CA VAL A 28 -22.79 -25.00 19.79
C VAL A 28 -23.28 -23.59 20.08
N HIS A 29 -22.56 -22.58 19.59
CA HIS A 29 -22.97 -21.21 19.84
C HIS A 29 -23.75 -20.49 18.74
N GLY A 30 -24.47 -21.26 17.94
CA GLY A 30 -25.32 -20.67 16.92
C GLY A 30 -24.90 -20.41 15.49
N THR A 31 -23.66 -20.70 15.11
CA THR A 31 -23.29 -20.45 13.71
C THR A 31 -23.80 -21.60 12.86
N SER A 32 -23.93 -21.36 11.56
CA SER A 32 -24.37 -22.41 10.66
C SER A 32 -23.17 -23.36 10.55
N PRO A 33 -23.39 -24.59 10.09
CA PRO A 33 -22.28 -25.53 9.97
C PRO A 33 -21.22 -24.99 9.01
N GLU A 34 -21.68 -24.35 7.94
CA GLU A 34 -20.79 -23.78 6.94
C GLU A 34 -19.90 -22.69 7.52
N VAL A 35 -20.49 -21.80 8.32
CA VAL A 35 -19.72 -20.72 8.94
C VAL A 35 -18.74 -21.32 9.95
N ALA A 36 -19.18 -22.33 10.70
CA ALA A 36 -18.32 -22.96 11.69
C ALA A 36 -17.09 -23.58 11.02
N ASP A 37 -17.27 -24.18 9.85
CA ASP A 37 -16.15 -24.80 9.14
C ASP A 37 -15.12 -23.73 8.76
N VAL A 38 -15.61 -22.63 8.23
CA VAL A 38 -14.73 -21.54 7.80
C VAL A 38 -13.99 -20.88 8.95
N LEU A 39 -14.70 -20.54 10.03
CA LEU A 39 -14.06 -19.88 11.16
C LEU A 39 -13.12 -20.81 11.93
N ALA A 40 -13.49 -22.08 12.06
CA ALA A 40 -12.65 -23.03 12.78
C ALA A 40 -11.31 -23.20 12.08
N GLU A 41 -11.34 -23.36 10.77
CA GLU A 41 -10.11 -23.52 10.01
C GLU A 41 -9.27 -22.25 10.10
N ASN A 42 -9.91 -21.10 9.98
CA ASN A 42 -9.21 -19.83 10.05
C ASN A 42 -8.53 -19.64 11.40
N CYS A 43 -9.29 -19.75 12.48
CA CYS A 43 -8.75 -19.57 13.81
C CYS A 43 -7.64 -20.57 14.14
N ALA A 44 -7.89 -21.84 13.79
CA ALA A 44 -6.89 -22.88 14.05
C ALA A 44 -5.62 -22.62 13.25
N SER A 45 -5.77 -22.11 12.03
CA SER A 45 -4.62 -21.81 11.18
C SER A 45 -3.75 -20.74 11.81
N ALA A 46 -4.39 -19.73 12.40
CA ALA A 46 -3.64 -18.65 13.03
C ALA A 46 -2.85 -19.18 14.22
N GLN A 47 -3.46 -20.07 15.00
CA GLN A 47 -2.79 -20.64 16.15
C GLN A 47 -1.63 -21.51 15.68
N ARG A 48 -1.88 -22.28 14.62
CA ARG A 48 -0.87 -23.15 14.02
C ARG A 48 0.38 -22.35 13.64
N ASP A 49 0.15 -21.17 13.08
CA ASP A 49 1.22 -20.28 12.63
C ASP A 49 1.81 -19.39 13.73
N GLY A 50 1.25 -19.47 14.93
CA GLY A 50 1.76 -18.65 16.01
C GLY A 50 1.25 -17.21 15.99
N SER A 51 0.16 -16.96 15.29
CA SER A 51 -0.43 -15.61 15.24
C SER A 51 -1.31 -15.48 16.48
N HIS A 52 -0.64 -15.34 17.63
CA HIS A 52 -1.28 -15.27 18.93
C HIS A 52 -2.47 -14.33 19.14
N SER A 53 -2.36 -13.08 18.70
CA SER A 53 -3.48 -12.17 18.91
C SER A 53 -4.71 -12.49 18.06
N HIS A 54 -4.57 -13.41 17.11
CA HIS A 54 -5.72 -13.76 16.29
C HIS A 54 -6.00 -15.25 16.15
N GLY A 55 -5.51 -16.01 17.14
CA GLY A 55 -5.75 -17.44 17.20
C GLY A 55 -6.86 -17.69 18.20
N ILE A 56 -6.71 -18.71 19.03
CA ILE A 56 -7.73 -19.03 20.02
C ILE A 56 -8.00 -17.90 21.02
N PHE A 57 -7.07 -16.96 21.10
CA PHE A 57 -7.22 -15.80 22.00
C PHE A 57 -8.54 -15.10 21.69
N ARG A 58 -8.96 -15.16 20.43
CA ARG A 58 -10.18 -14.49 20.00
C ARG A 58 -11.50 -15.23 20.18
N ILE A 59 -11.46 -16.49 20.63
CA ILE A 59 -12.70 -17.25 20.79
C ILE A 59 -13.72 -16.58 21.71
N PRO A 60 -13.30 -16.13 22.91
CA PRO A 60 -14.28 -15.48 23.78
C PRO A 60 -14.98 -14.29 23.12
N GLY A 61 -14.21 -13.50 22.36
CA GLY A 61 -14.77 -12.35 21.67
C GLY A 61 -15.72 -12.75 20.57
N TYR A 62 -15.39 -13.84 19.88
CA TYR A 62 -16.25 -14.34 18.81
C TYR A 62 -17.60 -14.71 19.43
N LEU A 63 -17.54 -15.45 20.52
CA LEU A 63 -18.75 -15.91 21.19
C LEU A 63 -19.59 -14.82 21.83
N SER A 64 -18.95 -13.84 22.47
CA SER A 64 -19.71 -12.76 23.08
C SER A 64 -20.39 -11.94 21.99
N SER A 65 -19.70 -11.77 20.87
CA SER A 65 -20.28 -11.00 19.75
C SER A 65 -21.49 -11.73 19.16
N LEU A 66 -21.42 -13.05 19.07
CA LEU A 66 -22.51 -13.83 18.52
C LEU A 66 -23.72 -13.84 19.46
N ALA A 67 -23.46 -13.93 20.76
CA ALA A 67 -24.53 -14.01 21.76
C ALA A 67 -25.60 -12.90 21.67
N SER A 68 -25.17 -11.68 21.40
CA SER A 68 -26.10 -10.55 21.31
C SER A 68 -26.78 -10.42 19.96
N GLY A 69 -26.29 -11.15 18.98
CA GLY A 69 -26.85 -11.05 17.65
C GLY A 69 -26.13 -9.96 16.88
N TRP A 70 -25.14 -9.34 17.52
CA TRP A 70 -24.35 -8.28 16.88
C TRP A 70 -23.85 -8.74 15.51
N VAL A 71 -23.36 -9.98 15.46
CA VAL A 71 -22.89 -10.57 14.20
C VAL A 71 -23.76 -11.80 13.99
N ASP A 72 -24.20 -12.01 12.75
CA ASP A 72 -25.06 -13.14 12.40
C ASP A 72 -24.25 -14.36 11.99
N GLY A 73 -24.21 -15.36 12.87
CA GLY A 73 -23.45 -16.57 12.58
C GLY A 73 -24.09 -17.49 11.55
N LYS A 74 -25.29 -17.13 11.11
CA LYS A 74 -26.00 -17.93 10.12
C LYS A 74 -26.26 -17.13 8.84
N ALA A 75 -25.58 -16.01 8.69
CA ALA A 75 -25.75 -15.17 7.52
C ALA A 75 -25.41 -15.91 6.24
N VAL A 76 -26.17 -15.61 5.19
CA VAL A 76 -25.95 -16.21 3.89
C VAL A 76 -25.47 -15.11 2.95
N PRO A 77 -24.18 -15.13 2.58
CA PRO A 77 -23.64 -14.11 1.69
C PRO A 77 -24.39 -14.02 0.35
N VAL A 78 -24.54 -12.80 -0.15
CA VAL A 78 -25.20 -12.58 -1.43
C VAL A 78 -24.16 -12.07 -2.41
N VAL A 79 -23.82 -12.91 -3.39
CA VAL A 79 -22.81 -12.56 -4.39
C VAL A 79 -23.42 -11.79 -5.55
N GLU A 80 -22.77 -10.68 -5.93
CA GLU A 80 -23.24 -9.85 -7.02
C GLU A 80 -22.18 -9.75 -8.11
N ASP A 81 -22.48 -10.33 -9.27
CA ASP A 81 -21.57 -10.32 -10.41
C ASP A 81 -21.88 -9.01 -11.15
N VAL A 82 -21.10 -7.98 -10.89
CA VAL A 82 -21.35 -6.66 -11.48
C VAL A 82 -20.42 -6.18 -12.58
N GLY A 83 -19.43 -7.00 -12.95
CA GLY A 83 -18.52 -6.60 -14.00
C GLY A 83 -17.59 -7.73 -14.41
N ALA A 84 -17.00 -7.63 -15.60
CA ALA A 84 -16.10 -8.66 -16.08
C ALA A 84 -14.97 -8.91 -15.09
N ALA A 85 -14.65 -7.89 -14.30
CA ALA A 85 -13.58 -8.00 -13.31
C ALA A 85 -14.00 -7.43 -11.96
N PHE A 86 -15.29 -7.45 -11.68
CA PHE A 86 -15.76 -6.87 -10.42
C PHE A 86 -16.85 -7.71 -9.77
N VAL A 87 -16.63 -8.06 -8.51
CA VAL A 87 -17.60 -8.84 -7.75
C VAL A 87 -17.86 -8.14 -6.43
N ARG A 88 -19.14 -8.04 -6.05
CA ARG A 88 -19.50 -7.46 -4.78
C ARG A 88 -20.21 -8.55 -4.01
N VAL A 89 -20.10 -8.53 -2.70
CA VAL A 89 -20.79 -9.52 -1.90
C VAL A 89 -21.31 -8.88 -0.63
N ASP A 90 -22.60 -9.06 -0.38
CA ASP A 90 -23.21 -8.54 0.83
C ASP A 90 -23.02 -9.64 1.86
N ALA A 91 -22.25 -9.35 2.91
CA ALA A 91 -21.98 -10.31 3.96
C ALA A 91 -23.21 -10.48 4.86
N CYS A 92 -24.17 -9.58 4.70
CA CYS A 92 -25.42 -9.62 5.46
C CYS A 92 -25.22 -9.72 6.97
N ASN A 93 -24.34 -8.86 7.49
CA ASN A 93 -24.02 -8.80 8.92
C ASN A 93 -23.35 -10.06 9.45
N GLY A 94 -22.79 -10.85 8.55
CA GLY A 94 -22.10 -12.06 8.95
C GLY A 94 -20.60 -11.82 8.89
N PHE A 95 -19.82 -12.87 9.12
CA PHE A 95 -18.37 -12.74 9.08
C PHE A 95 -17.86 -12.56 7.66
N ALA A 96 -16.69 -11.95 7.54
CA ALA A 96 -16.09 -11.69 6.23
C ALA A 96 -15.62 -12.95 5.52
N GLN A 97 -15.02 -13.88 6.25
CA GLN A 97 -14.49 -15.10 5.65
C GLN A 97 -15.52 -15.93 4.87
N PRO A 98 -16.72 -16.13 5.42
CA PRO A 98 -17.71 -16.92 4.67
C PRO A 98 -18.10 -16.20 3.38
N ALA A 99 -18.09 -14.86 3.42
CA ALA A 99 -18.44 -14.06 2.26
C ALA A 99 -17.36 -14.21 1.19
N LEU A 100 -16.10 -14.20 1.61
CA LEU A 100 -15.00 -14.37 0.67
C LEU A 100 -15.10 -15.76 0.05
N ALA A 101 -15.34 -16.77 0.89
CA ALA A 101 -15.45 -18.14 0.41
C ALA A 101 -16.56 -18.30 -0.64
N ALA A 102 -17.68 -17.63 -0.41
CA ALA A 102 -18.82 -17.71 -1.33
C ALA A 102 -18.54 -17.14 -2.72
N ALA A 103 -17.67 -16.13 -2.80
CA ALA A 103 -17.38 -15.51 -4.07
C ALA A 103 -16.02 -15.87 -4.65
N ARG A 104 -15.23 -16.63 -3.90
CA ARG A 104 -13.88 -16.98 -4.32
C ARG A 104 -13.72 -17.61 -5.72
N SER A 105 -14.54 -18.61 -6.03
CA SER A 105 -14.43 -19.26 -7.34
C SER A 105 -14.68 -18.28 -8.49
N LEU A 106 -15.71 -17.45 -8.35
CA LEU A 106 -16.05 -16.47 -9.38
C LEU A 106 -14.92 -15.45 -9.51
N LEU A 107 -14.38 -15.03 -8.37
CA LEU A 107 -13.29 -14.06 -8.33
C LEU A 107 -12.07 -14.57 -9.09
N ILE A 108 -11.71 -15.83 -8.84
CA ILE A 108 -10.56 -16.43 -9.49
C ILE A 108 -10.81 -16.58 -10.99
N ASP A 109 -12.02 -16.97 -11.36
CA ASP A 109 -12.33 -17.10 -12.78
C ASP A 109 -12.14 -15.77 -13.49
N LYS A 110 -12.66 -14.69 -12.88
CA LYS A 110 -12.53 -13.36 -13.47
C LYS A 110 -11.07 -12.91 -13.52
N ALA A 111 -10.34 -13.14 -12.43
CA ALA A 111 -8.92 -12.74 -12.37
C ALA A 111 -8.11 -13.40 -13.47
N ARG A 112 -8.32 -14.70 -13.65
CA ARG A 112 -7.59 -15.43 -14.68
C ARG A 112 -8.00 -15.04 -16.09
N SER A 113 -9.28 -14.76 -16.29
CA SER A 113 -9.79 -14.37 -17.60
C SER A 113 -9.46 -12.93 -17.97
N ALA A 114 -9.87 -11.99 -17.13
CA ALA A 114 -9.65 -10.57 -17.37
C ALA A 114 -8.22 -10.11 -17.04
N GLY A 115 -7.55 -10.83 -16.16
CA GLY A 115 -6.19 -10.45 -15.78
C GLY A 115 -6.12 -9.94 -14.35
N VAL A 116 -7.21 -9.34 -13.90
CA VAL A 116 -7.31 -8.81 -12.55
C VAL A 116 -8.79 -8.76 -12.20
N ALA A 117 -9.11 -8.83 -10.92
CA ALA A 117 -10.50 -8.77 -10.48
C ALA A 117 -10.57 -8.28 -9.05
N ILE A 118 -11.67 -7.61 -8.74
CA ILE A 118 -11.88 -7.09 -7.40
C ILE A 118 -13.07 -7.76 -6.71
N LEU A 119 -12.93 -7.96 -5.41
CA LEU A 119 -14.03 -8.51 -4.61
C LEU A 119 -14.26 -7.43 -3.55
N ALA A 120 -15.47 -6.87 -3.54
CA ALA A 120 -15.81 -5.83 -2.58
C ALA A 120 -16.85 -6.37 -1.62
N ILE A 121 -16.42 -6.68 -0.40
CA ILE A 121 -17.31 -7.22 0.63
C ILE A 121 -17.84 -6.09 1.52
N ARG A 122 -19.15 -6.06 1.72
CA ARG A 122 -19.75 -5.04 2.58
C ARG A 122 -20.61 -5.68 3.67
N GLY A 123 -20.76 -4.98 4.79
CA GLY A 123 -21.56 -5.46 5.90
C GLY A 123 -20.98 -6.70 6.57
N SER A 124 -19.66 -6.78 6.61
CA SER A 124 -18.96 -7.93 7.19
C SER A 124 -18.24 -7.66 8.50
N HIS A 125 -18.03 -8.73 9.26
CA HIS A 125 -17.30 -8.66 10.53
C HIS A 125 -16.03 -9.49 10.35
N HIS A 126 -14.88 -8.85 10.49
CA HIS A 126 -13.60 -9.55 10.34
C HIS A 126 -12.88 -9.50 11.69
N PHE A 127 -12.65 -10.67 12.29
CA PHE A 127 -12.04 -10.75 13.61
C PHE A 127 -10.79 -11.63 13.57
N ALA A 128 -10.03 -11.54 12.48
CA ALA A 128 -8.87 -12.40 12.34
C ALA A 128 -7.72 -11.76 11.59
N ALA A 129 -6.69 -12.56 11.36
CA ALA A 129 -5.53 -12.11 10.60
C ALA A 129 -5.99 -12.06 9.14
N LEU A 130 -5.25 -11.34 8.31
CA LEU A 130 -5.60 -11.22 6.89
C LEU A 130 -4.78 -12.16 6.00
N TRP A 131 -3.63 -12.63 6.47
CA TRP A 131 -2.85 -13.52 5.61
C TRP A 131 -3.65 -14.77 5.21
N PRO A 132 -4.60 -15.21 6.04
CA PRO A 132 -5.36 -16.41 5.61
C PRO A 132 -6.20 -16.11 4.38
N ASP A 133 -6.54 -14.83 4.17
CA ASP A 133 -7.35 -14.43 3.03
C ASP A 133 -6.55 -14.31 1.74
N VAL A 134 -5.30 -13.91 1.83
CA VAL A 134 -4.48 -13.74 0.63
C VAL A 134 -3.56 -14.91 0.28
N GLU A 135 -3.13 -15.68 1.27
CA GLU A 135 -2.23 -16.80 0.98
C GLU A 135 -2.75 -17.82 -0.04
N PRO A 136 -4.03 -18.23 0.08
CA PRO A 136 -4.58 -19.22 -0.86
C PRO A 136 -4.49 -18.80 -2.33
N PHE A 137 -4.64 -17.50 -2.60
CA PHE A 137 -4.55 -17.01 -3.96
C PHE A 137 -3.13 -17.17 -4.50
N ALA A 138 -2.15 -16.88 -3.65
CA ALA A 138 -0.75 -16.99 -4.05
C ALA A 138 -0.36 -18.44 -4.23
N GLU A 139 -0.98 -19.34 -3.47
CA GLU A 139 -0.67 -20.76 -3.60
C GLU A 139 -1.11 -21.23 -4.98
N GLN A 140 -2.08 -20.53 -5.56
CA GLN A 140 -2.60 -20.86 -6.88
C GLN A 140 -1.96 -20.03 -7.98
N GLY A 141 -0.84 -19.38 -7.67
CA GLY A 141 -0.12 -18.59 -8.66
C GLY A 141 -0.62 -17.18 -8.92
N LEU A 142 -1.53 -16.69 -8.08
CA LEU A 142 -2.06 -15.34 -8.25
C LEU A 142 -1.52 -14.39 -7.18
N VAL A 143 -1.54 -13.09 -7.49
CA VAL A 143 -1.09 -12.07 -6.55
C VAL A 143 -2.35 -11.47 -5.93
N ALA A 144 -2.35 -11.29 -4.61
CA ALA A 144 -3.51 -10.73 -3.94
C ALA A 144 -3.16 -9.64 -2.93
N LEU A 145 -3.97 -8.58 -2.94
CA LEU A 145 -3.80 -7.46 -2.03
C LEU A 145 -5.15 -7.26 -1.35
N SER A 146 -5.15 -7.12 -0.03
CA SER A 146 -6.42 -6.94 0.66
C SER A 146 -6.34 -5.89 1.75
N MET A 147 -7.46 -5.22 1.98
CA MET A 147 -7.55 -4.19 3.02
C MET A 147 -8.86 -4.39 3.77
N VAL A 148 -8.81 -4.17 5.08
CA VAL A 148 -9.97 -4.29 5.95
C VAL A 148 -9.92 -3.15 6.96
N ASN A 149 -11.03 -2.44 7.14
CA ASN A 149 -11.03 -1.38 8.16
C ASN A 149 -11.69 -1.98 9.39
N SER A 150 -11.22 -1.60 10.57
CA SER A 150 -11.76 -2.16 11.81
C SER A 150 -12.61 -1.20 12.64
N MET A 151 -12.23 -0.99 13.89
CA MET A 151 -13.00 -0.10 14.78
C MET A 151 -12.21 1.13 15.17
N THR A 152 -12.89 2.27 15.28
CA THR A 152 -12.23 3.52 15.64
C THR A 152 -11.36 3.45 16.89
N CYS A 153 -10.09 3.80 16.73
CA CYS A 153 -9.16 3.82 17.84
C CYS A 153 -7.80 4.39 17.47
N VAL A 154 -7.62 4.76 16.21
CA VAL A 154 -6.35 5.33 15.76
C VAL A 154 -6.48 6.81 15.43
N VAL A 155 -5.61 7.62 16.01
CA VAL A 155 -5.61 9.07 15.78
C VAL A 155 -4.88 9.40 14.48
N PRO A 156 -5.59 10.00 13.51
CA PRO A 156 -4.95 10.37 12.23
C PRO A 156 -3.77 11.29 12.54
N HIS A 157 -2.72 11.21 11.74
CA HIS A 157 -1.54 12.04 11.99
C HIS A 157 -1.90 13.53 12.08
N GLY A 158 -1.49 14.15 13.19
CA GLY A 158 -1.77 15.56 13.38
C GLY A 158 -3.12 15.88 13.97
N ALA A 159 -3.96 14.86 14.15
CA ALA A 159 -5.29 15.05 14.72
C ALA A 159 -5.27 14.96 16.25
N ARG A 160 -6.42 15.21 16.86
CA ARG A 160 -6.54 15.19 18.32
C ARG A 160 -7.40 14.04 18.87
N GLN A 161 -8.20 13.43 18.01
CA GLN A 161 -9.06 12.34 18.44
C GLN A 161 -8.98 11.15 17.49
N PRO A 162 -9.27 9.93 17.99
CA PRO A 162 -9.21 8.75 17.14
C PRO A 162 -10.33 8.75 16.10
N LEU A 163 -10.08 8.11 14.96
CA LEU A 163 -11.06 8.02 13.89
C LEU A 163 -10.90 6.74 13.10
N PHE A 164 -9.69 6.49 12.61
CA PHE A 164 -9.41 5.29 11.83
C PHE A 164 -9.39 4.04 12.70
N GLY A 165 -9.56 2.88 12.06
CA GLY A 165 -9.48 1.63 12.79
C GLY A 165 -8.02 1.21 12.69
N THR A 166 -7.67 0.03 13.21
CA THR A 166 -6.28 -0.43 13.13
C THR A 166 -5.93 -0.78 11.67
N ASN A 167 -6.97 -0.82 10.84
CA ASN A 167 -6.88 -1.01 9.40
C ASN A 167 -5.69 -1.72 8.76
N PRO A 168 -5.70 -3.06 8.76
CA PRO A 168 -4.61 -3.83 8.17
C PRO A 168 -4.62 -3.93 6.64
N ILE A 169 -3.43 -4.21 6.09
CA ILE A 169 -3.24 -4.40 4.66
C ILE A 169 -2.45 -5.70 4.56
N ALA A 170 -2.85 -6.58 3.66
CA ALA A 170 -2.16 -7.86 3.47
C ALA A 170 -1.83 -8.05 1.99
N PHE A 171 -0.72 -8.73 1.73
CA PHE A 171 -0.26 -8.96 0.36
C PHE A 171 0.31 -10.37 0.23
N GLY A 172 -0.07 -11.07 -0.83
CA GLY A 172 0.44 -12.41 -1.06
C GLY A 172 0.89 -12.59 -2.49
N ALA A 173 2.07 -13.17 -2.68
CA ALA A 173 2.60 -13.39 -4.01
C ALA A 173 3.31 -14.74 -4.09
N PRO A 174 3.15 -15.46 -5.22
CA PRO A 174 3.81 -16.76 -5.34
C PRO A 174 5.30 -16.63 -5.63
N ARG A 175 6.04 -17.67 -5.30
CA ARG A 175 7.49 -17.73 -5.56
C ARG A 175 7.75 -19.17 -5.99
N ALA A 176 8.57 -19.32 -7.01
CA ALA A 176 8.87 -20.64 -7.56
C ALA A 176 9.51 -21.64 -6.61
N GLY A 177 10.39 -21.16 -5.73
CA GLY A 177 11.07 -22.07 -4.82
C GLY A 177 10.63 -22.13 -3.38
N GLY A 178 9.37 -21.82 -3.08
CA GLY A 178 8.93 -21.89 -1.71
C GLY A 178 7.50 -21.47 -1.47
N GLU A 179 7.15 -21.31 -0.20
CA GLU A 179 5.81 -20.90 0.20
C GLU A 179 5.61 -19.46 -0.24
N PRO A 180 4.34 -19.02 -0.37
CA PRO A 180 4.04 -17.66 -0.79
C PRO A 180 4.71 -16.56 0.03
N ILE A 181 5.12 -15.49 -0.66
CA ILE A 181 5.70 -14.34 0.01
C ILE A 181 4.46 -13.61 0.50
N VAL A 182 4.33 -13.43 1.81
CA VAL A 182 3.15 -12.77 2.36
C VAL A 182 3.45 -11.82 3.51
N PHE A 183 2.84 -10.64 3.47
CA PHE A 183 2.96 -9.72 4.59
C PHE A 183 1.53 -9.41 4.99
N ASP A 184 1.35 -9.10 6.27
CA ASP A 184 0.03 -8.80 6.83
C ASP A 184 0.32 -7.88 7.99
N LEU A 185 -0.03 -6.61 7.82
CA LEU A 185 0.26 -5.62 8.85
C LEU A 185 -0.86 -4.63 9.15
N ALA A 186 -1.00 -4.29 10.43
CA ALA A 186 -1.99 -3.31 10.82
C ALA A 186 -1.34 -1.97 10.47
N THR A 187 -2.12 -0.96 10.12
CA THR A 187 -1.53 0.33 9.82
C THR A 187 -1.34 1.13 11.11
N SER A 188 -1.84 0.58 12.21
CA SER A 188 -1.66 1.20 13.52
C SER A 188 -0.25 0.77 13.96
N ALA A 189 0.34 1.47 14.93
CA ALA A 189 1.69 1.14 15.39
C ALA A 189 1.75 -0.23 16.05
N ILE A 190 0.62 -0.67 16.55
CA ILE A 190 0.51 -1.97 17.20
C ILE A 190 -0.94 -2.42 17.05
N ALA A 191 -1.18 -3.73 17.01
CA ALA A 191 -2.53 -4.25 16.86
C ALA A 191 -3.25 -4.13 18.20
N HIS A 192 -4.54 -3.84 18.18
CA HIS A 192 -5.30 -3.69 19.40
C HIS A 192 -5.28 -4.96 20.24
N GLY A 193 -5.35 -6.11 19.57
CA GLY A 193 -5.32 -7.37 20.29
C GLY A 193 -4.07 -7.51 21.14
N ASP A 194 -2.95 -7.02 20.62
CA ASP A 194 -1.70 -7.12 21.34
C ASP A 194 -1.60 -6.12 22.48
N VAL A 195 -2.39 -5.04 22.40
CA VAL A 195 -2.40 -4.07 23.48
C VAL A 195 -3.14 -4.76 24.64
N GLN A 196 -4.19 -5.50 24.31
CA GLN A 196 -4.96 -6.20 25.33
C GLN A 196 -4.09 -7.26 26.02
N ILE A 197 -3.30 -7.97 25.23
CA ILE A 197 -2.43 -8.99 25.78
C ILE A 197 -1.37 -8.34 26.68
N ALA A 198 -0.83 -7.20 26.24
CA ALA A 198 0.17 -6.50 27.03
C ALA A 198 -0.40 -6.06 28.37
N ALA A 199 -1.65 -5.62 28.37
CA ALA A 199 -2.30 -5.20 29.60
C ALA A 199 -2.46 -6.39 30.53
N ARG A 200 -2.85 -7.54 29.96
CA ARG A 200 -3.05 -8.75 30.73
C ARG A 200 -1.73 -9.23 31.35
N GLU A 201 -0.64 -9.11 30.59
CA GLU A 201 0.66 -9.56 31.08
C GLU A 201 1.37 -8.51 31.94
N GLY A 202 0.78 -7.32 32.05
CA GLY A 202 1.37 -6.27 32.86
C GLY A 202 2.64 -5.69 32.26
N ARG A 203 2.73 -5.69 30.94
CA ARG A 203 3.89 -5.16 30.23
C ARG A 203 3.65 -3.75 29.71
N LEU A 204 4.71 -2.94 29.68
CA LEU A 204 4.63 -1.59 29.16
C LEU A 204 4.96 -1.67 27.67
N LEU A 205 4.46 -0.71 26.91
CA LEU A 205 4.72 -0.66 25.48
C LEU A 205 5.80 0.35 25.17
N PRO A 206 6.53 0.16 24.06
CA PRO A 206 7.57 1.14 23.74
C PRO A 206 6.85 2.43 23.37
N ALA A 207 7.57 3.55 23.34
CA ALA A 207 6.97 4.84 23.01
C ALA A 207 6.42 4.85 21.58
N GLY A 208 5.40 5.68 21.37
CA GLY A 208 4.82 5.82 20.04
C GLY A 208 3.69 4.91 19.64
N MET A 209 3.22 4.05 20.54
CA MET A 209 2.12 3.14 20.23
C MET A 209 0.77 3.79 20.45
N GLY A 210 0.66 4.63 21.47
CA GLY A 210 -0.63 5.25 21.74
C GLY A 210 -0.63 6.40 22.74
N VAL A 211 -1.83 6.87 23.06
CA VAL A 211 -2.03 7.97 23.99
C VAL A 211 -3.15 7.63 24.97
N ASP A 212 -3.25 8.38 26.06
CA ASP A 212 -4.30 8.12 27.05
C ASP A 212 -5.56 8.90 26.69
N ARG A 213 -6.57 8.83 27.56
CA ARG A 213 -7.85 9.50 27.34
C ARG A 213 -7.73 11.02 27.22
N ASP A 214 -6.59 11.57 27.64
CA ASP A 214 -6.38 13.01 27.56
C ASP A 214 -5.54 13.36 26.33
N GLY A 215 -5.20 12.35 25.55
CA GLY A 215 -4.42 12.56 24.34
C GLY A 215 -2.92 12.64 24.57
N LEU A 216 -2.48 12.35 25.78
CA LEU A 216 -1.06 12.40 26.11
C LEU A 216 -0.37 11.07 25.84
N PRO A 217 0.88 11.11 25.32
CA PRO A 217 1.61 9.88 25.04
C PRO A 217 1.68 9.01 26.28
N THR A 218 1.57 7.70 26.11
CA THR A 218 1.64 6.77 27.22
C THR A 218 2.24 5.44 26.79
N GLN A 219 2.81 4.71 27.75
CA GLN A 219 3.38 3.40 27.48
C GLN A 219 2.55 2.34 28.20
N GLU A 220 1.51 2.80 28.89
CA GLU A 220 0.63 1.91 29.65
C GLU A 220 -0.51 1.39 28.78
N PRO A 221 -0.52 0.08 28.49
CA PRO A 221 -1.61 -0.45 27.65
C PRO A 221 -2.98 -0.18 28.27
N ARG A 222 -3.04 -0.15 29.59
CA ARG A 222 -4.31 0.11 30.27
C ARG A 222 -4.83 1.50 29.95
N ALA A 223 -3.92 2.48 29.89
CA ALA A 223 -4.29 3.85 29.59
C ALA A 223 -4.86 3.95 28.17
N ILE A 224 -4.30 3.17 27.26
CA ILE A 224 -4.75 3.17 25.88
C ILE A 224 -6.15 2.55 25.80
N LEU A 225 -6.33 1.42 26.50
CA LEU A 225 -7.60 0.72 26.48
C LEU A 225 -8.71 1.44 27.23
N ASP A 226 -8.35 2.23 28.24
CA ASP A 226 -9.34 2.93 29.04
C ASP A 226 -9.60 4.37 28.57
N GLY A 227 -10.20 4.50 27.39
CA GLY A 227 -10.51 5.81 26.86
C GLY A 227 -9.40 6.43 26.02
N GLY A 228 -8.29 5.71 25.89
CA GLY A 228 -7.17 6.21 25.11
C GLY A 228 -7.30 5.85 23.65
N ALA A 229 -6.18 5.88 22.92
CA ALA A 229 -6.19 5.55 21.51
C ALA A 229 -4.81 5.14 21.02
N LEU A 230 -4.76 4.63 19.79
CA LEU A 230 -3.51 4.20 19.18
C LEU A 230 -3.05 5.20 18.12
N LEU A 231 -1.79 5.10 17.74
CA LEU A 231 -1.22 5.97 16.73
C LEU A 231 -0.88 5.15 15.49
N PRO A 232 -0.83 5.81 14.32
CA PRO A 232 -0.52 5.11 13.07
C PRO A 232 0.97 4.80 13.04
N PHE A 233 1.36 3.73 12.35
CA PHE A 233 2.77 3.39 12.26
C PHE A 233 3.40 4.36 11.26
N GLY A 234 4.68 4.67 11.44
CA GLY A 234 5.35 5.55 10.51
C GLY A 234 4.74 6.94 10.31
N GLY A 235 4.23 7.53 11.39
CA GLY A 235 3.67 8.86 11.31
C GLY A 235 2.70 9.17 10.17
N HIS A 236 2.99 10.23 9.43
CA HIS A 236 2.11 10.66 8.35
C HIS A 236 1.95 9.64 7.23
N LYS A 237 2.97 8.81 7.01
CA LYS A 237 2.87 7.83 5.94
C LYS A 237 1.93 6.69 6.29
N GLY A 238 2.04 6.16 7.50
CA GLY A 238 1.13 5.09 7.89
C GLY A 238 -0.29 5.64 7.99
N SER A 239 -0.40 6.90 8.38
CA SER A 239 -1.70 7.54 8.51
C SER A 239 -2.37 7.64 7.15
N ALA A 240 -1.60 7.97 6.12
CA ALA A 240 -2.12 8.07 4.76
C ALA A 240 -2.61 6.71 4.30
N LEU A 241 -1.86 5.67 4.63
CA LEU A 241 -2.23 4.32 4.25
C LEU A 241 -3.51 3.89 5.00
N SER A 242 -3.63 4.31 6.24
CA SER A 242 -4.83 3.97 7.02
C SER A 242 -6.04 4.65 6.39
N MET A 243 -5.87 5.89 5.96
CA MET A 243 -6.96 6.62 5.32
C MET A 243 -7.39 5.85 4.07
N MET A 244 -6.41 5.34 3.33
CA MET A 244 -6.69 4.56 2.13
C MET A 244 -7.51 3.32 2.47
N VAL A 245 -7.19 2.67 3.58
CA VAL A 245 -7.93 1.47 3.98
C VAL A 245 -9.39 1.82 4.25
N GLU A 246 -9.65 2.95 4.90
CA GLU A 246 -11.04 3.35 5.17
C GLU A 246 -11.75 3.49 3.82
N LEU A 247 -11.11 4.21 2.91
CA LEU A 247 -11.69 4.46 1.59
C LEU A 247 -11.93 3.22 0.75
N LEU A 248 -10.99 2.27 0.80
CA LEU A 248 -11.12 1.06 0.00
C LEU A 248 -11.95 -0.07 0.61
N ALA A 249 -11.80 -0.31 1.91
CA ALA A 249 -12.53 -1.38 2.55
C ALA A 249 -13.96 -0.98 2.93
N ALA A 250 -14.22 0.32 3.02
CA ALA A 250 -15.55 0.79 3.39
C ALA A 250 -16.16 1.72 2.33
N GLY A 251 -15.45 2.80 2.04
CA GLY A 251 -15.94 3.76 1.05
C GLY A 251 -16.32 3.13 -0.28
N LEU A 252 -15.46 2.24 -0.77
CA LEU A 252 -15.71 1.59 -2.06
C LEU A 252 -16.67 0.41 -2.00
N THR A 253 -16.58 -0.38 -0.92
CA THR A 253 -17.42 -1.56 -0.76
C THR A 253 -18.87 -1.24 -0.39
N GLY A 254 -19.06 -0.16 0.35
CA GLY A 254 -20.40 0.21 0.79
C GLY A 254 -20.56 -0.08 2.28
N GLY A 255 -19.53 -0.65 2.89
CA GLY A 255 -19.56 -0.95 4.31
C GLY A 255 -19.33 0.28 5.16
N ASN A 256 -19.52 0.14 6.47
CA ASN A 256 -19.33 1.26 7.40
C ASN A 256 -17.88 1.66 7.54
N PHE A 257 -17.62 2.95 7.69
CA PHE A 257 -16.26 3.41 7.97
C PHE A 257 -16.08 2.92 9.41
N SER A 258 -14.85 2.92 9.90
CA SER A 258 -14.59 2.42 11.26
C SER A 258 -15.33 3.13 12.37
N PHE A 259 -15.80 4.34 12.09
CA PHE A 259 -16.51 5.14 13.08
C PHE A 259 -18.02 5.19 12.86
N GLU A 260 -18.52 4.39 11.92
CA GLU A 260 -19.94 4.40 11.61
C GLU A 260 -20.75 3.26 12.22
N PHE A 261 -20.32 2.80 13.38
CA PHE A 261 -21.02 1.76 14.11
C PHE A 261 -20.52 1.80 15.54
N ASP A 262 -21.30 1.23 16.46
CA ASP A 262 -20.87 1.22 17.85
C ASP A 262 -21.53 0.04 18.56
N TRP A 263 -20.90 -0.41 19.63
CA TRP A 263 -21.36 -1.56 20.40
C TRP A 263 -22.22 -1.23 21.61
N SER A 264 -22.56 0.04 21.79
CA SER A 264 -23.33 0.46 22.96
C SER A 264 -24.60 -0.33 23.29
N LYS A 265 -25.30 -0.83 22.28
CA LYS A 265 -26.55 -1.57 22.50
C LYS A 265 -26.38 -3.08 22.51
N HIS A 266 -25.15 -3.55 22.36
CA HIS A 266 -24.88 -4.99 22.32
C HIS A 266 -23.81 -5.41 23.33
N PRO A 267 -24.23 -5.78 24.54
CA PRO A 267 -23.28 -6.21 25.58
C PRO A 267 -22.32 -7.28 25.08
N GLY A 268 -21.03 -7.05 25.28
CA GLY A 268 -20.01 -8.01 24.87
C GLY A 268 -19.59 -8.00 23.42
N ALA A 269 -20.17 -7.13 22.61
CA ALA A 269 -19.81 -7.08 21.19
C ALA A 269 -18.36 -6.63 21.01
N GLN A 270 -17.63 -7.30 20.13
CA GLN A 270 -16.22 -6.96 19.90
C GLN A 270 -15.80 -6.90 18.43
N THR A 271 -16.66 -7.38 17.54
CA THR A 271 -16.32 -7.40 16.12
C THR A 271 -16.67 -6.14 15.35
N PRO A 272 -15.76 -5.68 14.48
CA PRO A 272 -16.07 -4.47 13.71
C PRO A 272 -17.12 -4.91 12.66
N TRP A 273 -18.05 -4.01 12.33
CA TRP A 273 -19.07 -4.31 11.33
C TRP A 273 -18.76 -3.33 10.19
N THR A 274 -17.88 -3.78 9.29
CA THR A 274 -17.42 -2.94 8.20
C THR A 274 -17.43 -3.57 6.81
N GLY A 275 -16.25 -3.82 6.26
CA GLY A 275 -16.15 -4.41 4.94
C GLY A 275 -14.72 -4.85 4.63
N GLN A 276 -14.51 -5.33 3.40
CA GLN A 276 -13.19 -5.80 3.00
C GLN A 276 -13.01 -5.74 1.49
N LEU A 277 -11.82 -5.32 1.07
CA LEU A 277 -11.54 -5.25 -0.36
C LEU A 277 -10.42 -6.23 -0.67
N LEU A 278 -10.56 -6.94 -1.79
CA LEU A 278 -9.53 -7.86 -2.23
C LEU A 278 -9.31 -7.61 -3.71
N ILE A 279 -8.05 -7.50 -4.09
CA ILE A 279 -7.67 -7.31 -5.49
C ILE A 279 -6.84 -8.54 -5.82
N VAL A 280 -7.25 -9.29 -6.85
CA VAL A 280 -6.54 -10.49 -7.25
C VAL A 280 -6.06 -10.32 -8.68
N ILE A 281 -4.77 -10.59 -8.90
CA ILE A 281 -4.14 -10.41 -10.20
C ILE A 281 -3.40 -11.64 -10.72
N ASP A 282 -3.52 -11.89 -12.02
CA ASP A 282 -2.75 -12.97 -12.64
C ASP A 282 -1.50 -12.20 -13.05
N PRO A 283 -0.40 -12.35 -12.30
CA PRO A 283 0.84 -11.64 -12.62
C PRO A 283 1.43 -11.93 -13.99
N ASP A 284 1.09 -13.08 -14.57
CA ASP A 284 1.62 -13.46 -15.87
C ASP A 284 0.71 -13.21 -17.05
N LYS A 285 -0.40 -12.53 -16.84
CA LYS A 285 -1.32 -12.25 -17.95
C LYS A 285 -0.58 -11.50 -19.05
N GLY A 286 -0.47 -12.12 -20.22
CA GLY A 286 0.22 -11.50 -21.33
C GLY A 286 1.69 -11.19 -21.07
N ALA A 287 2.30 -11.95 -20.15
CA ALA A 287 3.70 -11.72 -19.79
C ALA A 287 4.72 -12.59 -20.51
N GLY A 288 5.82 -11.98 -20.90
CA GLY A 288 6.89 -12.72 -21.57
C GLY A 288 7.92 -13.18 -20.56
N GLN A 289 7.44 -13.53 -19.37
CA GLN A 289 8.30 -14.00 -18.28
C GLN A 289 7.43 -14.74 -17.27
N HIS A 290 8.06 -15.17 -16.19
CA HIS A 290 7.36 -15.88 -15.11
C HIS A 290 7.53 -15.11 -13.81
N PHE A 291 6.44 -14.53 -13.31
CA PHE A 291 6.50 -13.77 -12.07
C PHE A 291 7.14 -14.56 -10.92
N ALA A 292 6.75 -15.83 -10.79
CA ALA A 292 7.25 -16.68 -9.73
C ALA A 292 8.77 -16.83 -9.74
N GLN A 293 9.37 -16.69 -10.92
CA GLN A 293 10.82 -16.79 -11.04
C GLN A 293 11.44 -15.45 -10.63
N ARG A 294 10.77 -14.35 -10.93
CA ARG A 294 11.26 -13.03 -10.55
C ARG A 294 11.23 -12.92 -9.02
N SER A 295 10.11 -13.29 -8.42
CA SER A 295 9.99 -13.19 -6.96
C SER A 295 10.99 -14.09 -6.26
N GLU A 296 11.28 -15.25 -6.84
CA GLU A 296 12.25 -16.16 -6.24
C GLU A 296 13.63 -15.50 -6.25
N GLU A 297 13.93 -14.77 -7.32
CA GLU A 297 15.22 -14.08 -7.45
C GLU A 297 15.30 -12.97 -6.40
N LEU A 298 14.18 -12.30 -6.14
CA LEU A 298 14.18 -11.24 -5.14
C LEU A 298 14.50 -11.84 -3.78
N VAL A 299 13.93 -13.02 -3.50
CA VAL A 299 14.19 -13.67 -2.21
C VAL A 299 15.67 -14.02 -2.11
N ARG A 300 16.23 -14.54 -3.19
CA ARG A 300 17.64 -14.92 -3.21
C ARG A 300 18.51 -13.70 -2.92
N GLN A 301 18.16 -12.57 -3.52
CA GLN A 301 18.90 -11.32 -3.33
C GLN A 301 18.76 -10.79 -1.91
N LEU A 302 17.58 -10.96 -1.32
CA LEU A 302 17.35 -10.50 0.04
C LEU A 302 18.24 -11.29 0.99
N HIS A 303 18.33 -12.60 0.78
CA HIS A 303 19.18 -13.44 1.61
C HIS A 303 20.62 -12.97 1.40
N GLY A 304 20.92 -12.62 0.15
CA GLY A 304 22.25 -12.16 -0.21
C GLY A 304 22.71 -10.91 0.52
N VAL A 305 21.78 -10.02 0.85
CA VAL A 305 22.16 -8.80 1.56
C VAL A 305 22.01 -8.92 3.08
N GLY A 306 21.67 -10.12 3.55
CA GLY A 306 21.56 -10.34 4.98
C GLY A 306 20.20 -10.39 5.63
N GLN A 307 19.11 -10.33 4.86
CA GLN A 307 17.80 -10.42 5.50
C GLN A 307 17.47 -11.89 5.67
N GLU A 308 17.64 -12.38 6.90
CA GLU A 308 17.37 -13.79 7.19
C GLU A 308 15.88 -14.03 7.31
N ARG A 309 15.17 -13.05 7.84
CA ARG A 309 13.73 -13.17 8.03
C ARG A 309 12.91 -12.30 7.11
N LEU A 310 12.17 -12.93 6.20
CA LEU A 310 11.31 -12.20 5.29
C LEU A 310 9.90 -12.29 5.85
N PRO A 311 9.00 -11.39 5.45
CA PRO A 311 7.64 -11.44 5.96
C PRO A 311 7.06 -12.83 5.71
N GLY A 312 6.49 -13.44 6.74
CA GLY A 312 5.92 -14.77 6.59
C GLY A 312 6.81 -15.89 7.11
N ASP A 313 8.13 -15.73 6.99
CA ASP A 313 9.05 -16.77 7.44
C ASP A 313 8.77 -17.26 8.84
N ARG A 314 8.60 -16.34 9.77
CA ARG A 314 8.32 -16.68 11.17
C ARG A 314 7.12 -17.63 11.28
N ARG A 315 6.05 -17.31 10.56
CA ARG A 315 4.86 -18.15 10.59
C ARG A 315 5.08 -19.51 9.92
N TYR A 316 5.81 -19.53 8.82
CA TYR A 316 6.05 -20.80 8.12
C TYR A 316 6.89 -21.74 8.98
N LEU A 317 7.81 -21.18 9.75
CA LEU A 317 8.64 -22.01 10.62
C LEU A 317 7.78 -22.58 11.74
N GLU A 318 6.92 -21.75 12.30
CA GLU A 318 6.04 -22.20 13.39
C GLU A 318 5.04 -23.21 12.84
N ARG A 319 4.59 -22.99 11.61
CA ARG A 319 3.64 -23.89 10.97
C ARG A 319 4.24 -25.29 10.86
N ALA A 320 5.47 -25.35 10.39
CA ALA A 320 6.17 -26.64 10.23
C ALA A 320 6.27 -27.34 11.58
N ARG A 321 6.55 -26.57 12.63
CA ARG A 321 6.67 -27.12 13.97
C ARG A 321 5.33 -27.70 14.41
N SER A 322 4.27 -26.94 14.18
CA SER A 322 2.92 -27.38 14.55
C SER A 322 2.50 -28.66 13.85
N MET A 323 2.85 -28.80 12.58
CA MET A 323 2.48 -29.99 11.83
C MET A 323 3.31 -31.21 12.22
N ALA A 324 4.52 -30.98 12.70
CA ALA A 324 5.40 -32.07 13.09
C ALA A 324 5.27 -32.49 14.56
N HIS A 325 5.07 -31.52 15.45
CA HIS A 325 4.97 -31.81 16.87
C HIS A 325 3.63 -31.44 17.51
N GLY A 326 2.74 -30.88 16.70
CA GLY A 326 1.44 -30.48 17.22
C GLY A 326 1.47 -29.05 17.69
N ILE A 327 0.29 -28.48 17.91
CA ILE A 327 0.18 -27.09 18.36
C ILE A 327 0.26 -27.02 19.89
N VAL A 328 1.24 -26.28 20.39
CA VAL A 328 1.41 -26.13 21.83
C VAL A 328 0.33 -25.21 22.38
N ILE A 329 -0.38 -25.68 23.40
CA ILE A 329 -1.44 -24.91 24.01
C ILE A 329 -1.47 -25.15 25.53
N ALA A 330 -1.65 -24.07 26.29
CA ALA A 330 -1.70 -24.20 27.74
C ALA A 330 -2.81 -25.18 28.06
N GLN A 331 -2.52 -26.14 28.94
CA GLN A 331 -3.52 -27.15 29.30
C GLN A 331 -4.82 -26.50 29.73
N ALA A 332 -4.71 -25.38 30.44
CA ALA A 332 -5.89 -24.65 30.92
C ALA A 332 -6.76 -24.20 29.76
N ASP A 333 -6.13 -23.65 28.71
CA ASP A 333 -6.87 -23.19 27.55
C ASP A 333 -7.54 -24.35 26.82
N LEU A 334 -6.84 -25.47 26.73
CA LEU A 334 -7.40 -26.64 26.05
C LEU A 334 -8.66 -27.10 26.77
N GLU A 335 -8.59 -27.17 28.10
CA GLU A 335 -9.74 -27.59 28.89
C GLU A 335 -10.90 -26.62 28.69
N ARG A 336 -10.59 -25.33 28.64
CA ARG A 336 -11.62 -24.32 28.43
C ARG A 336 -12.31 -24.56 27.09
N LEU A 337 -11.52 -24.83 26.05
CA LEU A 337 -12.08 -25.08 24.73
C LEU A 337 -12.95 -26.32 24.72
N GLN A 338 -12.51 -27.35 25.43
CA GLN A 338 -13.27 -28.60 25.49
C GLN A 338 -14.61 -28.38 26.19
N GLU A 339 -14.62 -27.57 27.23
CA GLU A 339 -15.86 -27.29 27.95
C GLU A 339 -16.79 -26.48 27.07
N LEU A 340 -16.24 -25.53 26.32
CA LEU A 340 -17.04 -24.70 25.42
C LEU A 340 -17.65 -25.57 24.32
N ALA A 341 -16.91 -26.61 23.93
CA ALA A 341 -17.38 -27.53 22.89
C ALA A 341 -18.44 -28.47 23.45
N ASP B 7 22.13 36.97 -0.69
CA ASP B 7 21.31 35.78 -1.07
C ASP B 7 20.92 35.80 -2.55
N GLN B 8 20.46 34.66 -3.03
CA GLN B 8 20.05 34.49 -4.42
C GLN B 8 18.74 35.23 -4.75
N PRO B 9 18.81 36.24 -5.61
CA PRO B 9 17.59 36.98 -5.97
C PRO B 9 16.63 36.05 -6.68
N THR B 10 15.33 36.21 -6.43
CA THR B 10 14.34 35.34 -7.04
C THR B 10 13.49 36.05 -8.09
N GLN B 11 12.74 35.26 -8.85
CA GLN B 11 11.87 35.78 -9.90
C GLN B 11 10.70 34.81 -10.06
N THR B 12 9.64 35.25 -10.70
CA THR B 12 8.49 34.39 -10.91
C THR B 12 8.28 34.13 -12.39
N VAL B 13 7.77 32.94 -12.69
CA VAL B 13 7.48 32.53 -14.06
C VAL B 13 6.11 31.88 -13.99
N SER B 14 5.26 32.13 -14.98
CA SER B 14 3.94 31.54 -14.94
C SER B 14 4.04 30.04 -15.21
N TYR B 15 2.99 29.32 -14.85
CA TYR B 15 2.96 27.88 -15.07
C TYR B 15 3.09 27.58 -16.57
N PRO B 16 2.28 28.23 -17.42
CA PRO B 16 2.42 27.95 -18.86
C PRO B 16 3.79 28.33 -19.42
N GLN B 17 4.38 29.42 -18.92
CA GLN B 17 5.69 29.83 -19.39
C GLN B 17 6.73 28.77 -19.02
N LEU B 18 6.61 28.21 -17.82
CA LEU B 18 7.55 27.19 -17.39
C LEU B 18 7.42 25.93 -18.25
N ILE B 19 6.18 25.59 -18.59
CA ILE B 19 5.95 24.41 -19.42
C ILE B 19 6.61 24.62 -20.79
N ASP B 20 6.40 25.79 -21.39
CA ASP B 20 6.99 26.06 -22.70
C ASP B 20 8.52 26.00 -22.64
N LEU B 21 9.09 26.53 -21.56
CA LEU B 21 10.54 26.53 -21.40
C LEU B 21 11.07 25.11 -21.31
N LEU B 22 10.45 24.29 -20.47
CA LEU B 22 10.90 22.92 -20.32
C LEU B 22 10.67 22.09 -21.58
N ARG B 23 9.58 22.36 -22.30
CA ARG B 23 9.32 21.61 -23.53
C ARG B 23 10.43 21.87 -24.52
N ARG B 24 10.84 23.13 -24.65
CA ARG B 24 11.93 23.50 -25.57
C ARG B 24 13.21 22.79 -25.16
N ILE B 25 13.49 22.76 -23.85
CA ILE B 25 14.69 22.10 -23.36
C ILE B 25 14.71 20.63 -23.75
N PHE B 26 13.61 19.93 -23.55
CA PHE B 26 13.57 18.51 -23.90
C PHE B 26 13.73 18.27 -25.39
N VAL B 27 13.06 19.06 -26.22
CA VAL B 27 13.17 18.91 -27.66
C VAL B 27 14.60 19.18 -28.12
N VAL B 28 15.17 20.28 -27.64
CA VAL B 28 16.54 20.63 -28.01
C VAL B 28 17.53 19.53 -27.61
N HIS B 29 17.24 18.86 -26.49
CA HIS B 29 18.14 17.82 -26.01
C HIS B 29 17.82 16.39 -26.44
N GLY B 30 17.05 16.25 -27.52
CA GLY B 30 16.78 14.92 -28.04
C GLY B 30 15.53 14.12 -27.72
N THR B 31 14.46 14.74 -27.23
CA THR B 31 13.26 13.94 -26.98
C THR B 31 12.30 14.20 -28.13
N SER B 32 11.36 13.29 -28.31
CA SER B 32 10.36 13.44 -29.35
C SER B 32 9.41 14.54 -28.84
N PRO B 33 8.54 15.07 -29.72
CA PRO B 33 7.64 16.11 -29.22
C PRO B 33 6.64 15.58 -28.19
N GLU B 34 6.17 14.35 -28.37
CA GLU B 34 5.22 13.76 -27.42
C GLU B 34 5.87 13.63 -26.05
N VAL B 35 7.12 13.18 -26.03
CA VAL B 35 7.85 13.03 -24.76
C VAL B 35 8.10 14.40 -24.12
N ALA B 36 8.49 15.37 -24.93
CA ALA B 36 8.74 16.71 -24.42
C ALA B 36 7.47 17.30 -23.79
N ASP B 37 6.33 17.14 -24.46
CA ASP B 37 5.08 17.68 -23.93
C ASP B 37 4.74 17.06 -22.57
N VAL B 38 4.84 15.75 -22.49
CA VAL B 38 4.52 15.03 -21.25
C VAL B 38 5.46 15.36 -20.10
N LEU B 39 6.77 15.32 -20.34
CA LEU B 39 7.72 15.62 -19.28
C LEU B 39 7.71 17.09 -18.87
N ALA B 40 7.53 17.99 -19.84
CA ALA B 40 7.49 19.41 -19.55
C ALA B 40 6.33 19.73 -18.61
N GLU B 41 5.16 19.19 -18.92
CA GLU B 41 3.99 19.42 -18.08
C GLU B 41 4.18 18.79 -16.71
N ASN B 42 4.72 17.57 -16.70
CA ASN B 42 4.93 16.86 -15.45
C ASN B 42 5.90 17.61 -14.52
N CYS B 43 7.07 17.95 -15.04
CA CYS B 43 8.08 18.64 -14.24
C CYS B 43 7.59 20.02 -13.78
N ALA B 44 6.94 20.76 -14.68
CA ALA B 44 6.43 22.08 -14.34
C ALA B 44 5.34 21.97 -13.28
N SER B 45 4.50 20.94 -13.39
CA SER B 45 3.41 20.71 -12.44
C SER B 45 3.97 20.46 -11.04
N ALA B 46 5.07 19.71 -10.97
CA ALA B 46 5.69 19.42 -9.70
C ALA B 46 6.22 20.71 -9.08
N GLN B 47 6.84 21.57 -9.90
CA GLN B 47 7.37 22.83 -9.39
C GLN B 47 6.22 23.71 -8.91
N ARG B 48 5.13 23.70 -9.67
CA ARG B 48 3.92 24.48 -9.36
C ARG B 48 3.36 24.10 -7.98
N ASP B 49 3.36 22.80 -7.69
CA ASP B 49 2.84 22.27 -6.42
C ASP B 49 3.84 22.29 -5.28
N GLY B 50 5.06 22.74 -5.54
CA GLY B 50 6.06 22.78 -4.49
C GLY B 50 6.74 21.46 -4.21
N SER B 51 6.68 20.53 -5.17
CA SER B 51 7.33 19.23 -5.03
C SER B 51 8.75 19.45 -5.53
N HIS B 52 9.54 20.19 -4.75
CA HIS B 52 10.90 20.54 -5.12
C HIS B 52 11.84 19.45 -5.60
N SER B 53 11.91 18.32 -4.88
CA SER B 53 12.82 17.26 -5.29
C SER B 53 12.49 16.65 -6.65
N HIS B 54 11.31 16.94 -7.19
CA HIS B 54 10.95 16.39 -8.49
C HIS B 54 10.44 17.43 -9.46
N GLY B 55 10.87 18.67 -9.21
CA GLY B 55 10.51 19.79 -10.07
C GLY B 55 11.72 20.08 -10.95
N ILE B 56 12.01 21.35 -11.20
CA ILE B 56 13.13 21.71 -12.07
C ILE B 56 14.49 21.21 -11.57
N PHE B 57 14.56 20.84 -10.30
CA PHE B 57 15.79 20.31 -9.73
C PHE B 57 16.26 19.10 -10.53
N ARG B 58 15.32 18.38 -11.14
CA ARG B 58 15.63 17.18 -11.91
C ARG B 58 16.07 17.40 -13.35
N ILE B 59 15.96 18.62 -13.86
CA ILE B 59 16.35 18.86 -15.24
C ILE B 59 17.78 18.43 -15.58
N PRO B 60 18.76 18.78 -14.75
CA PRO B 60 20.14 18.36 -15.06
C PRO B 60 20.25 16.84 -15.18
N GLY B 61 19.61 16.12 -14.26
CA GLY B 61 19.65 14.66 -14.28
C GLY B 61 18.95 14.10 -15.51
N TYR B 62 17.89 14.75 -15.93
CA TYR B 62 17.17 14.31 -17.12
C TYR B 62 18.11 14.44 -18.31
N LEU B 63 18.72 15.61 -18.45
CA LEU B 63 19.60 15.87 -19.57
C LEU B 63 20.87 15.04 -19.61
N SER B 64 21.48 14.79 -18.45
CA SER B 64 22.69 13.98 -18.45
C SER B 64 22.35 12.53 -18.77
N SER B 65 21.15 12.10 -18.39
CA SER B 65 20.73 10.73 -18.67
C SER B 65 20.49 10.59 -20.18
N LEU B 66 19.89 11.62 -20.79
CA LEU B 66 19.63 11.60 -22.23
C LEU B 66 20.93 11.69 -23.02
N ALA B 67 21.82 12.58 -22.62
CA ALA B 67 23.09 12.77 -23.31
C ALA B 67 23.96 11.52 -23.34
N SER B 68 23.88 10.73 -22.27
CA SER B 68 24.68 9.51 -22.16
C SER B 68 24.12 8.35 -22.97
N GLY B 69 22.90 8.52 -23.49
CA GLY B 69 22.27 7.47 -24.26
C GLY B 69 21.62 6.42 -23.37
N TRP B 70 21.63 6.68 -22.07
CA TRP B 70 21.05 5.75 -21.10
C TRP B 70 19.54 5.57 -21.28
N VAL B 71 18.85 6.67 -21.54
CA VAL B 71 17.40 6.63 -21.74
C VAL B 71 17.06 7.16 -23.13
N ASP B 72 16.13 6.51 -23.81
CA ASP B 72 15.72 6.90 -25.15
C ASP B 72 14.59 7.92 -25.13
N GLY B 73 14.92 9.17 -25.38
CA GLY B 73 13.93 10.23 -25.38
C GLY B 73 12.96 10.20 -26.55
N LYS B 74 13.22 9.33 -27.53
CA LYS B 74 12.33 9.24 -28.68
C LYS B 74 11.67 7.87 -28.78
N ALA B 75 11.72 7.11 -27.69
CA ALA B 75 11.13 5.78 -27.65
C ALA B 75 9.64 5.84 -27.93
N VAL B 76 9.13 4.87 -28.66
CA VAL B 76 7.70 4.80 -28.97
C VAL B 76 7.13 3.63 -28.17
N PRO B 77 6.31 3.92 -27.15
CA PRO B 77 5.71 2.88 -26.32
C PRO B 77 4.89 1.89 -27.12
N VAL B 78 4.97 0.61 -26.74
CA VAL B 78 4.20 -0.43 -27.41
C VAL B 78 3.09 -0.83 -26.44
N VAL B 79 1.86 -0.48 -26.79
CA VAL B 79 0.70 -0.78 -25.94
C VAL B 79 0.18 -2.16 -26.27
N GLU B 80 0.15 -3.02 -25.25
CA GLU B 80 -0.30 -4.40 -25.42
C GLU B 80 -1.60 -4.68 -24.68
N ASP B 81 -2.65 -4.93 -25.44
CA ASP B 81 -3.97 -5.24 -24.87
C ASP B 81 -3.95 -6.74 -24.62
N VAL B 82 -3.65 -7.15 -23.39
CA VAL B 82 -3.53 -8.56 -23.06
C VAL B 82 -4.67 -9.22 -22.29
N GLY B 83 -5.67 -8.43 -21.92
CA GLY B 83 -6.81 -8.98 -21.19
C GLY B 83 -7.94 -7.97 -21.11
N ALA B 84 -9.14 -8.45 -20.81
CA ALA B 84 -10.30 -7.55 -20.71
C ALA B 84 -10.02 -6.42 -19.71
N ALA B 85 -9.20 -6.70 -18.71
CA ALA B 85 -8.88 -5.69 -17.70
C ALA B 85 -7.38 -5.59 -17.47
N PHE B 86 -6.59 -5.89 -18.50
CA PHE B 86 -5.14 -5.87 -18.34
C PHE B 86 -4.43 -5.27 -19.54
N VAL B 87 -3.59 -4.28 -19.29
CA VAL B 87 -2.81 -3.64 -20.34
C VAL B 87 -1.35 -3.62 -19.93
N ARG B 88 -0.46 -3.95 -20.86
CA ARG B 88 0.96 -3.91 -20.59
C ARG B 88 1.52 -2.90 -21.57
N VAL B 89 2.62 -2.24 -21.21
CA VAL B 89 3.25 -1.31 -22.12
C VAL B 89 4.74 -1.49 -22.05
N ASP B 90 5.36 -1.69 -23.21
CA ASP B 90 6.79 -1.82 -23.30
C ASP B 90 7.23 -0.37 -23.50
N ALA B 91 7.88 0.21 -22.50
CA ALA B 91 8.32 1.60 -22.59
C ALA B 91 9.53 1.73 -23.50
N CYS B 92 10.08 0.60 -23.93
CA CYS B 92 11.22 0.56 -24.83
C CYS B 92 12.37 1.47 -24.41
N ASN B 93 12.80 1.32 -23.17
CA ASN B 93 13.89 2.09 -22.59
C ASN B 93 13.65 3.59 -22.61
N GLY B 94 12.38 3.97 -22.59
CA GLY B 94 12.02 5.38 -22.58
C GLY B 94 11.41 5.74 -21.23
N PHE B 95 10.92 6.96 -21.11
CA PHE B 95 10.31 7.42 -19.85
C PHE B 95 8.96 6.77 -19.58
N ALA B 96 8.61 6.69 -18.30
CA ALA B 96 7.36 6.08 -17.88
C ALA B 96 6.12 6.89 -18.25
N GLN B 97 6.19 8.20 -18.08
CA GLN B 97 5.04 9.06 -18.35
C GLN B 97 4.50 8.96 -19.77
N PRO B 98 5.38 8.93 -20.79
CA PRO B 98 4.87 8.83 -22.15
C PRO B 98 4.19 7.47 -22.39
N ALA B 99 4.69 6.45 -21.69
CA ALA B 99 4.13 5.11 -21.82
C ALA B 99 2.73 5.09 -21.19
N LEU B 100 2.60 5.75 -20.05
CA LEU B 100 1.29 5.82 -19.39
C LEU B 100 0.33 6.60 -20.29
N ALA B 101 0.79 7.71 -20.86
CA ALA B 101 -0.06 8.51 -21.73
C ALA B 101 -0.56 7.71 -22.93
N ALA B 102 0.31 6.89 -23.50
CA ALA B 102 -0.02 6.08 -24.66
C ALA B 102 -1.13 5.07 -24.38
N ALA B 103 -1.18 4.57 -23.16
CA ALA B 103 -2.17 3.56 -22.78
C ALA B 103 -3.35 4.07 -21.95
N ARG B 104 -3.31 5.32 -21.55
CA ARG B 104 -4.35 5.91 -20.71
C ARG B 104 -5.80 5.70 -21.14
N SER B 105 -6.13 6.05 -22.38
CA SER B 105 -7.50 5.89 -22.86
C SER B 105 -7.99 4.45 -22.80
N LEU B 106 -7.15 3.51 -23.25
CA LEU B 106 -7.52 2.10 -23.23
C LEU B 106 -7.72 1.62 -21.80
N LEU B 107 -6.83 2.04 -20.90
CA LEU B 107 -6.90 1.65 -19.50
C LEU B 107 -8.22 2.12 -18.88
N ILE B 108 -8.58 3.37 -19.13
CA ILE B 108 -9.81 3.92 -18.59
C ILE B 108 -11.03 3.19 -19.15
N ASP B 109 -11.00 2.89 -20.45
CA ASP B 109 -12.13 2.18 -21.06
C ASP B 109 -12.31 0.83 -20.36
N LYS B 110 -11.21 0.12 -20.16
CA LYS B 110 -11.27 -1.18 -19.50
C LYS B 110 -11.74 -1.05 -18.05
N ALA B 111 -11.19 -0.07 -17.33
CA ALA B 111 -11.56 0.13 -15.94
C ALA B 111 -13.07 0.39 -15.81
N ARG B 112 -13.61 1.24 -16.66
CA ARG B 112 -15.03 1.54 -16.60
C ARG B 112 -15.91 0.38 -17.04
N SER B 113 -15.44 -0.38 -18.02
CA SER B 113 -16.19 -1.52 -18.53
C SER B 113 -16.12 -2.73 -17.61
N ALA B 114 -14.92 -3.13 -17.24
CA ALA B 114 -14.71 -4.30 -16.38
C ALA B 114 -14.89 -4.00 -14.90
N GLY B 115 -14.66 -2.76 -14.51
CA GLY B 115 -14.78 -2.37 -13.10
C GLY B 115 -13.43 -2.00 -12.51
N VAL B 116 -12.40 -2.64 -13.03
CA VAL B 116 -11.03 -2.40 -12.58
C VAL B 116 -10.13 -2.82 -13.73
N ALA B 117 -8.96 -2.20 -13.81
CA ALA B 117 -8.01 -2.54 -14.87
C ALA B 117 -6.60 -2.26 -14.39
N ILE B 118 -5.64 -3.02 -14.91
CA ILE B 118 -4.26 -2.83 -14.52
C ILE B 118 -3.41 -2.43 -15.71
N LEU B 119 -2.43 -1.57 -15.45
CA LEU B 119 -1.48 -1.16 -16.47
C LEU B 119 -0.11 -1.53 -15.91
N ALA B 120 0.60 -2.40 -16.63
CA ALA B 120 1.92 -2.85 -16.22
C ALA B 120 2.95 -2.34 -17.22
N ILE B 121 3.68 -1.30 -16.82
CA ILE B 121 4.71 -0.70 -17.67
C ILE B 121 6.07 -1.31 -17.37
N ARG B 122 6.76 -1.78 -18.40
CA ARG B 122 8.08 -2.37 -18.22
C ARG B 122 9.13 -1.64 -19.06
N GLY B 123 10.37 -1.66 -18.58
CA GLY B 123 11.47 -1.02 -19.29
C GLY B 123 11.38 0.50 -19.32
N SER B 124 10.82 1.08 -18.26
CA SER B 124 10.63 2.52 -18.19
C SER B 124 11.53 3.25 -17.19
N HIS B 125 11.72 4.54 -17.45
CA HIS B 125 12.52 5.42 -16.59
C HIS B 125 11.56 6.43 -15.97
N HIS B 126 11.47 6.43 -14.64
CA HIS B 126 10.58 7.35 -13.93
C HIS B 126 11.44 8.21 -13.03
N PHE B 127 11.47 9.51 -13.32
CA PHE B 127 12.31 10.46 -12.58
C PHE B 127 11.45 11.58 -12.00
N ALA B 128 10.25 11.22 -11.54
CA ALA B 128 9.34 12.24 -11.03
C ALA B 128 8.47 11.81 -9.87
N ALA B 129 7.57 12.70 -9.47
CA ALA B 129 6.62 12.41 -8.40
C ALA B 129 5.60 11.46 -9.02
N LEU B 130 4.88 10.73 -8.17
CA LEU B 130 3.86 9.81 -8.66
C LEU B 130 2.45 10.39 -8.62
N TRP B 131 2.23 11.44 -7.82
CA TRP B 131 0.89 12.01 -7.77
C TRP B 131 0.41 12.48 -9.15
N PRO B 132 1.32 12.93 -10.03
CA PRO B 132 0.83 13.38 -11.34
C PRO B 132 0.24 12.22 -12.13
N ASP B 133 0.66 11.00 -11.79
CA ASP B 133 0.17 9.81 -12.47
C ASP B 133 -1.22 9.38 -12.02
N VAL B 134 -1.52 9.53 -10.73
CA VAL B 134 -2.83 9.10 -10.23
C VAL B 134 -3.90 10.19 -10.16
N GLU B 135 -3.47 11.43 -9.98
CA GLU B 135 -4.43 12.54 -9.88
C GLU B 135 -5.46 12.62 -11.01
N PRO B 136 -5.02 12.55 -12.28
CA PRO B 136 -5.96 12.63 -13.40
C PRO B 136 -7.09 11.61 -13.36
N PHE B 137 -6.80 10.40 -12.91
CA PHE B 137 -7.83 9.37 -12.81
C PHE B 137 -8.88 9.77 -11.79
N ALA B 138 -8.42 10.31 -10.66
CA ALA B 138 -9.33 10.73 -9.59
C ALA B 138 -10.18 11.90 -10.05
N GLU B 139 -9.62 12.77 -10.89
CA GLU B 139 -10.36 13.91 -11.39
C GLU B 139 -11.51 13.44 -12.28
N GLN B 140 -11.37 12.22 -12.80
CA GLN B 140 -12.38 11.63 -13.67
C GLN B 140 -13.31 10.68 -12.91
N GLY B 141 -13.21 10.68 -11.58
CA GLY B 141 -14.08 9.84 -10.77
C GLY B 141 -13.61 8.41 -10.51
N LEU B 142 -12.37 8.11 -10.87
CA LEU B 142 -11.84 6.77 -10.67
C LEU B 142 -10.81 6.76 -9.54
N VAL B 143 -10.62 5.59 -8.95
CA VAL B 143 -9.63 5.44 -7.88
C VAL B 143 -8.40 4.82 -8.54
N ALA B 144 -7.22 5.34 -8.19
CA ALA B 144 -5.99 4.83 -8.77
C ALA B 144 -4.92 4.58 -7.70
N LEU B 145 -4.21 3.47 -7.84
CA LEU B 145 -3.15 3.09 -6.92
C LEU B 145 -1.96 2.75 -7.81
N SER B 146 -0.79 3.31 -7.52
CA SER B 146 0.38 3.05 -8.34
C SER B 146 1.64 2.81 -7.52
N MET B 147 2.56 2.04 -8.09
CA MET B 147 3.83 1.73 -7.45
C MET B 147 4.93 1.81 -8.50
N VAL B 148 6.10 2.31 -8.09
CA VAL B 148 7.24 2.41 -8.98
C VAL B 148 8.47 2.05 -8.17
N ASN B 149 9.35 1.19 -8.71
CA ASN B 149 10.56 0.86 -7.97
C ASN B 149 11.67 1.70 -8.61
N SER B 150 12.63 2.16 -7.80
CA SER B 150 13.69 3.00 -8.34
C SER B 150 15.07 2.36 -8.40
N MET B 151 16.05 2.94 -7.70
CA MET B 151 17.41 2.41 -7.71
C MET B 151 17.88 1.98 -6.32
N THR B 152 18.66 0.91 -6.28
CA THR B 152 19.15 0.38 -5.00
C THR B 152 19.80 1.39 -4.08
N CYS B 153 19.24 1.52 -2.87
CA CYS B 153 19.79 2.42 -1.86
C CYS B 153 19.11 2.27 -0.50
N VAL B 154 18.13 1.38 -0.40
CA VAL B 154 17.42 1.17 0.85
C VAL B 154 17.74 -0.21 1.45
N VAL B 155 18.11 -0.22 2.73
CA VAL B 155 18.45 -1.45 3.42
C VAL B 155 17.20 -2.17 3.92
N PRO B 156 16.94 -3.39 3.41
CA PRO B 156 15.76 -4.12 3.88
C PRO B 156 15.86 -4.33 5.38
N HIS B 157 14.73 -4.37 6.07
CA HIS B 157 14.74 -4.55 7.52
C HIS B 157 15.55 -5.77 7.95
N GLY B 158 16.54 -5.55 8.80
CA GLY B 158 17.35 -6.64 9.28
C GLY B 158 18.53 -7.01 8.40
N ALA B 159 18.62 -6.37 7.23
CA ALA B 159 19.72 -6.66 6.31
C ALA B 159 20.92 -5.78 6.63
N ARG B 160 22.05 -6.05 5.97
CA ARG B 160 23.27 -5.30 6.20
C ARG B 160 23.66 -4.40 5.02
N GLN B 161 23.07 -4.66 3.86
CA GLN B 161 23.37 -3.88 2.66
C GLN B 161 22.10 -3.41 1.95
N PRO B 162 22.19 -2.32 1.18
CA PRO B 162 21.01 -1.83 0.46
C PRO B 162 20.60 -2.76 -0.68
N LEU B 163 19.31 -2.75 -1.01
CA LEU B 163 18.81 -3.60 -2.10
C LEU B 163 17.60 -2.95 -2.76
N PHE B 164 16.61 -2.55 -1.96
CA PHE B 164 15.41 -1.92 -2.50
C PHE B 164 15.70 -0.50 -2.94
N GLY B 165 14.83 0.02 -3.81
CA GLY B 165 14.95 1.40 -4.24
C GLY B 165 14.10 2.19 -3.25
N THR B 166 13.95 3.50 -3.45
CA THR B 166 13.15 4.33 -2.56
C THR B 166 11.66 3.98 -2.69
N ASN B 167 11.36 3.22 -3.75
CA ASN B 167 10.04 2.65 -4.04
C ASN B 167 8.78 3.32 -3.51
N PRO B 168 8.28 4.34 -4.22
CA PRO B 168 7.08 5.06 -3.80
C PRO B 168 5.75 4.38 -4.14
N ILE B 169 4.72 4.75 -3.39
CA ILE B 169 3.36 4.26 -3.57
C ILE B 169 2.51 5.51 -3.64
N ALA B 170 1.60 5.59 -4.60
CA ALA B 170 0.72 6.74 -4.73
C ALA B 170 -0.73 6.27 -4.84
N PHE B 171 -1.64 7.10 -4.33
CA PHE B 171 -3.06 6.76 -4.32
C PHE B 171 -3.89 8.01 -4.56
N GLY B 172 -4.88 7.91 -5.43
CA GLY B 172 -5.76 9.04 -5.71
C GLY B 172 -7.21 8.60 -5.73
N ALA B 173 -8.08 9.37 -5.09
CA ALA B 173 -9.50 9.05 -5.05
C ALA B 173 -10.33 10.32 -5.13
N PRO B 174 -11.48 10.27 -5.82
CA PRO B 174 -12.34 11.44 -5.95
C PRO B 174 -13.14 11.72 -4.69
N ARG B 175 -13.52 12.98 -4.51
CA ARG B 175 -14.34 13.41 -3.38
C ARG B 175 -15.35 14.40 -3.94
N ALA B 176 -16.59 14.30 -3.50
CA ALA B 176 -17.67 15.16 -3.99
C ALA B 176 -17.48 16.67 -3.82
N GLY B 177 -16.86 17.09 -2.72
CA GLY B 177 -16.71 18.51 -2.48
C GLY B 177 -15.33 19.14 -2.59
N GLY B 178 -14.48 18.63 -3.47
CA GLY B 178 -13.16 19.22 -3.60
C GLY B 178 -12.22 18.48 -4.52
N GLU B 179 -10.94 18.88 -4.49
CA GLU B 179 -9.92 18.26 -5.31
C GLU B 179 -9.72 16.83 -4.84
N PRO B 180 -9.16 15.97 -5.70
CA PRO B 180 -8.92 14.57 -5.35
C PRO B 180 -8.09 14.35 -4.10
N ILE B 181 -8.45 13.32 -3.34
CA ILE B 181 -7.71 12.95 -2.14
C ILE B 181 -6.53 12.18 -2.71
N VAL B 182 -5.32 12.66 -2.45
CA VAL B 182 -4.14 12.00 -2.99
C VAL B 182 -2.95 11.93 -2.06
N PHE B 183 -2.32 10.75 -1.96
CA PHE B 183 -1.10 10.64 -1.18
C PHE B 183 -0.05 10.08 -2.13
N ASP B 184 1.20 10.42 -1.88
CA ASP B 184 2.31 9.99 -2.72
C ASP B 184 3.48 9.94 -1.76
N LEU B 185 3.92 8.74 -1.43
CA LEU B 185 5.00 8.58 -0.48
C LEU B 185 6.05 7.56 -0.86
N ALA B 186 7.31 7.87 -0.55
CA ALA B 186 8.40 6.95 -0.80
C ALA B 186 8.31 5.96 0.37
N THR B 187 8.74 4.72 0.17
CA THR B 187 8.71 3.77 1.27
C THR B 187 10.01 3.88 2.06
N SER B 188 10.92 4.72 1.57
CA SER B 188 12.17 4.97 2.28
C SER B 188 11.84 6.09 3.28
N ALA B 189 12.72 6.32 4.25
CA ALA B 189 12.50 7.34 5.27
C ALA B 189 12.55 8.76 4.70
N ILE B 190 13.16 8.90 3.53
CA ILE B 190 13.28 10.19 2.86
C ILE B 190 13.53 9.91 1.39
N ALA B 191 13.10 10.80 0.51
CA ALA B 191 13.33 10.61 -0.93
C ALA B 191 14.79 10.93 -1.22
N HIS B 192 15.41 10.13 -2.10
CA HIS B 192 16.79 10.33 -2.47
C HIS B 192 17.01 11.75 -3.01
N GLY B 193 16.03 12.26 -3.73
CA GLY B 193 16.14 13.60 -4.28
C GLY B 193 16.30 14.65 -3.21
N ASP B 194 15.62 14.46 -2.08
CA ASP B 194 15.71 15.41 -0.99
C ASP B 194 17.05 15.27 -0.25
N VAL B 195 17.66 14.09 -0.36
CA VAL B 195 18.96 13.89 0.26
C VAL B 195 19.96 14.70 -0.58
N GLN B 196 19.77 14.67 -1.90
CA GLN B 196 20.65 15.41 -2.81
C GLN B 196 20.52 16.91 -2.58
N ILE B 197 19.30 17.37 -2.37
CA ILE B 197 19.07 18.79 -2.14
C ILE B 197 19.76 19.24 -0.85
N ALA B 198 19.67 18.41 0.20
CA ALA B 198 20.31 18.74 1.46
C ALA B 198 21.82 18.87 1.27
N ALA B 199 22.40 17.92 0.52
CA ALA B 199 23.84 17.93 0.26
C ALA B 199 24.22 19.18 -0.51
N ARG B 200 23.37 19.56 -1.47
CA ARG B 200 23.60 20.73 -2.30
C ARG B 200 23.59 22.00 -1.44
N GLU B 201 22.60 22.10 -0.57
CA GLU B 201 22.46 23.26 0.30
C GLU B 201 23.38 23.20 1.51
N GLY B 202 24.22 22.17 1.56
CA GLY B 202 25.15 22.02 2.65
C GLY B 202 24.57 21.88 4.04
N ARG B 203 23.40 21.25 4.15
CA ARG B 203 22.80 21.05 5.46
C ARG B 203 22.65 19.59 5.82
N LEU B 204 22.27 19.33 7.07
CA LEU B 204 22.11 17.98 7.56
C LEU B 204 20.66 17.52 7.49
N LEU B 205 20.47 16.20 7.59
CA LEU B 205 19.14 15.62 7.55
C LEU B 205 18.73 15.19 8.95
N PRO B 206 17.43 14.95 9.16
CA PRO B 206 16.98 14.52 10.48
C PRO B 206 17.64 13.16 10.71
N ALA B 207 17.85 12.77 11.96
CA ALA B 207 18.47 11.48 12.25
C ALA B 207 17.49 10.34 12.07
N GLY B 208 18.01 9.12 12.02
CA GLY B 208 17.17 7.94 11.88
C GLY B 208 16.64 7.67 10.48
N MET B 209 17.22 8.29 9.47
CA MET B 209 16.76 8.08 8.09
C MET B 209 17.78 7.36 7.22
N GLY B 210 19.04 7.39 7.62
CA GLY B 210 20.06 6.74 6.81
C GLY B 210 21.29 6.34 7.59
N VAL B 211 22.21 5.64 6.91
CA VAL B 211 23.45 5.18 7.50
C VAL B 211 24.60 5.45 6.54
N ASP B 212 25.83 5.46 7.07
CA ASP B 212 26.99 5.70 6.22
C ASP B 212 27.50 4.39 5.64
N ARG B 213 28.65 4.46 4.96
CA ARG B 213 29.23 3.28 4.32
C ARG B 213 29.57 2.15 5.30
N ASP B 214 29.61 2.46 6.59
CA ASP B 214 29.91 1.45 7.60
C ASP B 214 28.63 0.92 8.24
N GLY B 215 27.48 1.41 7.78
CA GLY B 215 26.22 0.96 8.32
C GLY B 215 25.86 1.64 9.63
N LEU B 216 26.59 2.70 9.96
CA LEU B 216 26.35 3.45 11.19
C LEU B 216 25.42 4.63 10.93
N PRO B 217 24.59 4.99 11.91
CA PRO B 217 23.66 6.12 11.73
C PRO B 217 24.37 7.40 11.34
N THR B 218 23.75 8.18 10.46
CA THR B 218 24.33 9.44 10.02
C THR B 218 23.25 10.42 9.65
N GLN B 219 23.61 11.71 9.67
CA GLN B 219 22.71 12.77 9.29
C GLN B 219 23.33 13.53 8.13
N GLU B 220 24.51 13.09 7.71
CA GLU B 220 25.21 13.75 6.61
C GLU B 220 24.75 13.19 5.27
N PRO B 221 24.05 14.01 4.46
CA PRO B 221 23.57 13.52 3.17
C PRO B 221 24.71 12.99 2.29
N ARG B 222 25.89 13.61 2.38
CA ARG B 222 27.03 13.16 1.60
C ARG B 222 27.45 11.75 2.02
N ALA B 223 27.33 11.46 3.31
CA ALA B 223 27.69 10.14 3.83
C ALA B 223 26.75 9.08 3.28
N ILE B 224 25.49 9.44 3.11
CA ILE B 224 24.49 8.52 2.57
C ILE B 224 24.74 8.32 1.08
N LEU B 225 24.97 9.43 0.39
CA LEU B 225 25.21 9.39 -1.06
C LEU B 225 26.52 8.72 -1.43
N ASP B 226 27.54 8.84 -0.58
CA ASP B 226 28.84 8.23 -0.88
C ASP B 226 29.07 6.88 -0.22
N GLY B 227 28.36 5.86 -0.68
CA GLY B 227 28.53 4.53 -0.12
C GLY B 227 27.59 4.16 1.01
N GLY B 228 26.78 5.11 1.45
CA GLY B 228 25.83 4.85 2.52
C GLY B 228 24.51 4.33 1.99
N ALA B 229 23.45 4.44 2.79
CA ALA B 229 22.14 3.96 2.37
C ALA B 229 21.03 4.57 3.22
N LEU B 230 19.79 4.38 2.76
CA LEU B 230 18.64 4.89 3.47
C LEU B 230 17.91 3.74 4.15
N LEU B 231 17.07 4.09 5.13
CA LEU B 231 16.29 3.09 5.86
C LEU B 231 14.84 3.17 5.41
N PRO B 232 14.10 2.07 5.56
CA PRO B 232 12.69 2.08 5.16
C PRO B 232 11.95 2.87 6.23
N PHE B 233 10.83 3.49 5.90
CA PHE B 233 10.08 4.21 6.91
C PHE B 233 9.30 3.19 7.74
N GLY B 234 8.98 3.55 8.97
CA GLY B 234 8.21 2.65 9.82
C GLY B 234 8.71 1.23 10.01
N GLY B 235 10.02 1.07 10.21
CA GLY B 235 10.59 -0.24 10.44
C GLY B 235 10.23 -1.39 9.53
N HIS B 236 9.96 -2.55 10.11
CA HIS B 236 9.65 -3.74 9.32
C HIS B 236 8.43 -3.59 8.41
N LYS B 237 7.48 -2.75 8.79
CA LYS B 237 6.29 -2.58 7.96
C LYS B 237 6.61 -1.83 6.68
N GLY B 238 7.42 -0.79 6.79
CA GLY B 238 7.79 -0.03 5.61
C GLY B 238 8.63 -0.89 4.69
N SER B 239 9.46 -1.75 5.28
CA SER B 239 10.31 -2.64 4.51
C SER B 239 9.47 -3.65 3.72
N ALA B 240 8.42 -4.15 4.36
CA ALA B 240 7.53 -5.10 3.71
C ALA B 240 6.86 -4.42 2.51
N LEU B 241 6.44 -3.17 2.70
CA LEU B 241 5.80 -2.43 1.62
C LEU B 241 6.79 -2.16 0.49
N SER B 242 8.05 -1.92 0.83
CA SER B 242 9.06 -1.68 -0.19
C SER B 242 9.28 -2.96 -1.01
N MET B 243 9.28 -4.10 -0.32
CA MET B 243 9.45 -5.38 -0.99
C MET B 243 8.28 -5.56 -1.97
N MET B 244 7.09 -5.19 -1.52
CA MET B 244 5.90 -5.30 -2.37
C MET B 244 6.07 -4.44 -3.62
N VAL B 245 6.63 -3.25 -3.47
CA VAL B 245 6.82 -2.37 -4.62
C VAL B 245 7.78 -3.01 -5.63
N GLU B 246 8.85 -3.65 -5.15
CA GLU B 246 9.77 -4.31 -6.07
C GLU B 246 8.99 -5.37 -6.87
N LEU B 247 8.21 -6.17 -6.15
CA LEU B 247 7.44 -7.24 -6.77
C LEU B 247 6.36 -6.77 -7.75
N LEU B 248 5.71 -5.66 -7.44
CA LEU B 248 4.64 -5.15 -8.29
C LEU B 248 5.09 -4.28 -9.46
N ALA B 249 5.99 -3.34 -9.21
CA ALA B 249 6.46 -2.43 -10.26
C ALA B 249 7.47 -3.08 -11.21
N ALA B 250 8.16 -4.12 -10.72
CA ALA B 250 9.16 -4.80 -11.53
C ALA B 250 8.85 -6.28 -11.74
N GLY B 251 8.68 -7.01 -10.64
CA GLY B 251 8.41 -8.44 -10.76
C GLY B 251 7.22 -8.78 -11.64
N LEU B 252 6.12 -8.04 -11.47
CA LEU B 252 4.91 -8.28 -12.24
C LEU B 252 4.92 -7.66 -13.64
N THR B 253 5.53 -6.50 -13.76
CA THR B 253 5.57 -5.80 -15.06
C THR B 253 6.57 -6.39 -16.05
N GLY B 254 7.67 -6.91 -15.53
CA GLY B 254 8.70 -7.46 -16.39
C GLY B 254 9.92 -6.54 -16.39
N GLY B 255 9.79 -5.39 -15.72
CA GLY B 255 10.91 -4.45 -15.64
C GLY B 255 11.96 -4.93 -14.67
N ASN B 256 13.11 -4.25 -14.65
CA ASN B 256 14.20 -4.60 -13.75
C ASN B 256 13.90 -4.27 -12.29
N PHE B 257 14.38 -5.11 -11.37
CA PHE B 257 14.25 -4.81 -9.96
C PHE B 257 15.23 -3.64 -9.79
N SER B 258 15.16 -2.96 -8.66
CA SER B 258 16.03 -1.79 -8.43
C SER B 258 17.53 -2.06 -8.50
N PHE B 259 17.91 -3.32 -8.35
CA PHE B 259 19.32 -3.70 -8.39
C PHE B 259 19.71 -4.41 -9.69
N GLU B 260 18.78 -4.49 -10.63
CA GLU B 260 19.03 -5.18 -11.89
C GLU B 260 19.38 -4.35 -13.11
N PHE B 261 19.98 -3.18 -12.89
CA PHE B 261 20.42 -2.37 -14.02
C PHE B 261 21.72 -1.71 -13.59
N ASP B 262 22.57 -1.41 -14.56
CA ASP B 262 23.85 -0.80 -14.29
C ASP B 262 24.14 0.31 -15.28
N TRP B 263 24.41 1.50 -14.77
CA TRP B 263 24.71 2.62 -15.64
C TRP B 263 26.19 3.02 -15.54
N SER B 264 27.02 2.08 -15.11
CA SER B 264 28.46 2.35 -14.98
C SER B 264 29.09 2.63 -16.35
N LYS B 265 28.43 2.18 -17.41
CA LYS B 265 28.95 2.40 -18.77
C LYS B 265 28.33 3.64 -19.41
N HIS B 266 27.51 4.35 -18.63
CA HIS B 266 26.86 5.56 -19.13
C HIS B 266 27.06 6.74 -18.18
N PRO B 267 28.24 7.37 -18.23
CA PRO B 267 28.52 8.51 -17.34
C PRO B 267 27.43 9.57 -17.44
N GLY B 268 26.86 9.94 -16.29
CA GLY B 268 25.82 10.94 -16.28
C GLY B 268 24.42 10.37 -16.12
N ALA B 269 24.29 9.05 -16.29
CA ALA B 269 22.99 8.40 -16.17
C ALA B 269 22.52 8.49 -14.71
N GLN B 270 21.25 8.85 -14.53
CA GLN B 270 20.66 8.99 -13.20
C GLN B 270 19.28 8.39 -13.06
N THR B 271 18.64 8.07 -14.18
CA THR B 271 17.29 7.52 -14.16
C THR B 271 17.21 6.02 -13.98
N PRO B 272 16.35 5.55 -13.08
CA PRO B 272 16.23 4.10 -12.88
C PRO B 272 15.61 3.52 -14.15
N TRP B 273 16.02 2.31 -14.53
CA TRP B 273 15.45 1.65 -15.71
C TRP B 273 14.69 0.47 -15.13
N THR B 274 13.44 0.71 -14.77
CA THR B 274 12.62 -0.32 -14.12
C THR B 274 11.23 -0.50 -14.70
N GLY B 275 10.22 -0.10 -13.95
CA GLY B 275 8.85 -0.24 -14.43
C GLY B 275 7.85 0.44 -13.51
N GLN B 276 6.57 0.30 -13.82
CA GLN B 276 5.53 0.93 -13.03
C GLN B 276 4.21 0.18 -13.13
N LEU B 277 3.52 0.06 -11.99
CA LEU B 277 2.23 -0.61 -11.98
C LEU B 277 1.16 0.39 -11.59
N LEU B 278 0.02 0.35 -12.28
CA LEU B 278 -1.10 1.22 -11.96
C LEU B 278 -2.36 0.37 -11.96
N ILE B 279 -3.17 0.56 -10.93
CA ILE B 279 -4.44 -0.15 -10.80
C ILE B 279 -5.50 0.95 -10.80
N VAL B 280 -6.44 0.89 -11.73
CA VAL B 280 -7.50 1.90 -11.82
C VAL B 280 -8.83 1.21 -11.58
N ILE B 281 -9.63 1.79 -10.70
CA ILE B 281 -10.91 1.20 -10.29
C ILE B 281 -12.09 2.15 -10.40
N ASP B 282 -13.22 1.62 -10.84
CA ASP B 282 -14.45 2.42 -10.84
C ASP B 282 -15.04 2.00 -9.50
N PRO B 283 -14.91 2.85 -8.47
CA PRO B 283 -15.42 2.55 -7.14
C PRO B 283 -16.92 2.29 -7.03
N ASP B 284 -17.69 2.75 -8.01
CA ASP B 284 -19.14 2.56 -7.99
C ASP B 284 -19.65 1.45 -8.91
N LYS B 285 -18.75 0.66 -9.48
CA LYS B 285 -19.19 -0.42 -10.37
C LYS B 285 -20.20 -1.32 -9.66
N GLY B 286 -21.42 -1.36 -10.18
CA GLY B 286 -22.48 -2.18 -9.59
C GLY B 286 -22.83 -1.82 -8.16
N ALA B 287 -22.47 -0.62 -7.73
CA ALA B 287 -22.72 -0.17 -6.36
C ALA B 287 -24.09 0.45 -6.14
N GLY B 288 -24.54 0.43 -4.89
CA GLY B 288 -25.82 1.01 -4.52
C GLY B 288 -25.58 2.29 -3.74
N GLN B 289 -24.45 2.92 -3.98
CA GLN B 289 -24.07 4.16 -3.31
C GLN B 289 -23.08 4.94 -4.16
N HIS B 290 -22.65 6.09 -3.66
CA HIS B 290 -21.69 6.92 -4.38
C HIS B 290 -20.41 7.10 -3.57
N PHE B 291 -19.31 6.54 -4.07
CA PHE B 291 -18.02 6.62 -3.40
C PHE B 291 -17.62 8.05 -3.07
N ALA B 292 -17.80 8.96 -4.02
CA ALA B 292 -17.42 10.36 -3.83
C ALA B 292 -18.10 10.98 -2.62
N GLN B 293 -19.31 10.49 -2.32
CA GLN B 293 -20.06 10.98 -1.17
C GLN B 293 -19.44 10.42 0.11
N ARG B 294 -19.05 9.14 0.05
CA ARG B 294 -18.43 8.50 1.20
C ARG B 294 -17.09 9.16 1.53
N SER B 295 -16.28 9.41 0.50
CA SER B 295 -14.97 10.02 0.71
C SER B 295 -15.09 11.44 1.26
N GLU B 296 -16.11 12.17 0.82
CA GLU B 296 -16.32 13.53 1.31
C GLU B 296 -16.65 13.47 2.80
N GLU B 297 -17.42 12.47 3.19
CA GLU B 297 -17.80 12.30 4.60
C GLU B 297 -16.55 12.01 5.43
N LEU B 298 -15.64 11.21 4.88
CA LEU B 298 -14.42 10.89 5.61
C LEU B 298 -13.59 12.15 5.81
N VAL B 299 -13.53 12.99 4.78
CA VAL B 299 -12.79 14.24 4.88
C VAL B 299 -13.41 15.12 5.96
N ARG B 300 -14.74 15.17 5.98
CA ARG B 300 -15.45 15.97 6.97
C ARG B 300 -15.12 15.47 8.37
N GLN B 301 -15.12 14.15 8.55
CA GLN B 301 -14.81 13.55 9.84
C GLN B 301 -13.36 13.80 10.23
N LEU B 302 -12.46 13.82 9.25
CA LEU B 302 -11.05 14.07 9.53
C LEU B 302 -10.86 15.49 10.07
N HIS B 303 -11.57 16.45 9.49
CA HIS B 303 -11.47 17.82 9.98
C HIS B 303 -12.08 17.85 11.37
N GLY B 304 -13.14 17.05 11.55
CA GLY B 304 -13.82 16.98 12.83
C GLY B 304 -12.94 16.53 13.99
N VAL B 305 -12.03 15.60 13.74
CA VAL B 305 -11.16 15.12 14.81
C VAL B 305 -9.87 15.95 14.92
N GLY B 306 -9.78 17.00 14.12
CA GLY B 306 -8.61 17.85 14.20
C GLY B 306 -7.49 17.71 13.19
N GLN B 307 -7.66 16.91 12.14
CA GLN B 307 -6.60 16.81 11.15
C GLN B 307 -6.80 17.94 10.15
N GLU B 308 -6.03 19.00 10.30
CA GLU B 308 -6.12 20.16 9.43
C GLU B 308 -5.45 19.91 8.09
N ARG B 309 -4.35 19.15 8.10
CA ARG B 309 -3.62 18.86 6.88
C ARG B 309 -3.81 17.42 6.40
N LEU B 310 -4.56 17.27 5.32
CA LEU B 310 -4.79 15.95 4.74
C LEU B 310 -3.79 15.80 3.60
N PRO B 311 -3.45 14.56 3.23
CA PRO B 311 -2.51 14.37 2.13
C PRO B 311 -2.98 15.13 0.90
N GLY B 312 -2.10 15.91 0.30
CA GLY B 312 -2.46 16.67 -0.88
C GLY B 312 -2.75 18.14 -0.62
N ASP B 313 -3.23 18.46 0.58
CA ASP B 313 -3.56 19.84 0.92
C ASP B 313 -2.41 20.82 0.72
N ARG B 314 -1.23 20.46 1.18
CA ARG B 314 -0.07 21.34 1.05
C ARG B 314 0.18 21.66 -0.42
N ARG B 315 0.11 20.65 -1.27
CA ARG B 315 0.33 20.85 -2.71
C ARG B 315 -0.76 21.70 -3.34
N TYR B 316 -2.02 21.48 -2.95
CA TYR B 316 -3.10 22.27 -3.51
C TYR B 316 -2.97 23.74 -3.12
N LEU B 317 -2.41 23.99 -1.93
CA LEU B 317 -2.21 25.36 -1.45
C LEU B 317 -1.13 26.02 -2.29
N GLU B 318 -0.02 25.31 -2.52
CA GLU B 318 1.07 25.85 -3.32
C GLU B 318 0.62 26.05 -4.75
N ARG B 319 -0.21 25.15 -5.25
CA ARG B 319 -0.72 25.23 -6.60
C ARG B 319 -1.49 26.53 -6.76
N ALA B 320 -2.34 26.84 -5.78
CA ALA B 320 -3.13 28.06 -5.81
C ALA B 320 -2.22 29.29 -5.80
N ARG B 321 -1.20 29.27 -4.95
CA ARG B 321 -0.26 30.37 -4.86
C ARG B 321 0.47 30.56 -6.19
N SER B 322 0.87 29.45 -6.81
CA SER B 322 1.57 29.49 -8.08
C SER B 322 0.70 30.07 -9.20
N MET B 323 -0.57 29.70 -9.22
CA MET B 323 -1.47 30.20 -10.24
C MET B 323 -1.85 31.65 -10.02
N ALA B 324 -1.73 32.13 -8.78
CA ALA B 324 -2.08 33.51 -8.45
C ALA B 324 -0.92 34.49 -8.52
N HIS B 325 0.26 34.06 -8.06
CA HIS B 325 1.44 34.92 -8.04
C HIS B 325 2.54 34.48 -8.98
N GLY B 326 2.40 33.29 -9.55
CA GLY B 326 3.42 32.78 -10.44
C GLY B 326 4.29 31.82 -9.65
N ILE B 327 5.14 31.07 -10.36
CA ILE B 327 6.03 30.12 -9.71
C ILE B 327 7.37 30.77 -9.38
N VAL B 328 7.73 30.76 -8.10
CA VAL B 328 8.97 31.35 -7.65
C VAL B 328 10.16 30.51 -8.08
N ILE B 329 11.15 31.15 -8.67
CA ILE B 329 12.34 30.46 -9.14
C ILE B 329 13.57 31.35 -8.96
N ALA B 330 14.67 30.76 -8.53
CA ALA B 330 15.90 31.51 -8.34
C ALA B 330 16.30 32.10 -9.70
N GLN B 331 16.73 33.35 -9.69
CA GLN B 331 17.13 34.02 -10.92
C GLN B 331 18.16 33.19 -11.70
N ALA B 332 19.10 32.59 -10.98
CA ALA B 332 20.14 31.78 -11.60
C ALA B 332 19.56 30.54 -12.27
N ASP B 333 18.58 29.91 -11.63
CA ASP B 333 17.98 28.71 -12.21
C ASP B 333 17.19 29.05 -13.48
N LEU B 334 16.47 30.17 -13.45
CA LEU B 334 15.68 30.58 -14.60
C LEU B 334 16.62 30.85 -15.78
N GLU B 335 17.73 31.54 -15.52
CA GLU B 335 18.70 31.86 -16.57
C GLU B 335 19.26 30.58 -17.18
N ARG B 336 19.59 29.61 -16.33
CA ARG B 336 20.14 28.34 -16.80
C ARG B 336 19.12 27.62 -17.67
N LEU B 337 17.86 27.64 -17.26
CA LEU B 337 16.81 26.99 -18.03
C LEU B 337 16.64 27.70 -19.37
N GLN B 338 16.69 29.03 -19.36
CA GLN B 338 16.53 29.80 -20.58
C GLN B 338 17.69 29.49 -21.54
N GLU B 339 18.88 29.33 -21.00
CA GLU B 339 20.06 29.02 -21.81
C GLU B 339 19.90 27.63 -22.44
N LEU B 340 19.45 26.68 -21.64
CA LEU B 340 19.26 25.30 -22.11
C LEU B 340 18.21 25.26 -23.22
N ALA B 341 17.25 26.18 -23.15
CA ALA B 341 16.18 26.25 -24.14
C ALA B 341 16.66 26.91 -25.42
N GLY B 342 17.80 27.60 -25.34
CA GLY B 342 18.36 28.25 -26.50
C GLY B 342 18.28 29.77 -26.47
N HIS B 343 17.48 30.32 -25.56
CA HIS B 343 17.33 31.78 -25.45
C HIS B 343 18.67 32.44 -25.18
PA NDP C . 3.55 -7.20 12.89
O1A NDP C . 3.87 -5.83 13.34
O2A NDP C . 4.05 -8.39 13.64
O5B NDP C . 3.98 -7.98 11.37
C5B NDP C . 3.72 -7.21 10.30
C4B NDP C . 4.16 -8.24 9.48
O4B NDP C . 5.57 -7.80 9.55
C3B NDP C . 4.11 -9.61 8.94
O3B NDP C . 3.94 -9.63 7.55
C2B NDP C . 5.43 -10.08 9.52
O2B NDP C . 5.86 -11.36 9.24
C1B NDP C . 6.40 -8.90 9.16
N9A NDP C . 7.57 -8.79 10.06
C8A NDP C . 7.50 -8.61 11.46
N7A NDP C . 8.68 -8.53 12.05
C5A NDP C . 9.55 -8.64 11.03
C6A NDP C . 11.00 -8.63 10.98
N6A NDP C . 11.71 -8.48 12.10
N1A NDP C . 11.61 -8.78 9.75
C2A NDP C . 10.87 -8.93 8.61
N3A NDP C . 9.49 -8.95 8.53
C4A NDP C . 8.91 -8.80 9.78
O3 NDP C . 1.98 -7.42 12.80
PN NDP C . 0.81 -6.33 13.14
O1N NDP C . 0.81 -5.30 12.25
O2N NDP C . 0.86 -6.24 14.49
O5D NDP C . -0.37 -7.56 12.75
C5D NDP C . -0.71 -8.84 13.41
C4D NDP C . -2.04 -8.82 12.93
O4D NDP C . -3.35 -8.63 13.46
C3D NDP C . -2.26 -9.28 11.45
O3D NDP C . -2.34 -10.69 11.27
C2D NDP C . -3.49 -8.52 11.10
O2D NDP C . -4.15 -8.98 9.97
C1D NDP C . -4.28 -8.55 12.40
N1N NDP C . -5.12 -7.38 12.46
C2N NDP C . -6.39 -7.60 11.94
C3N NDP C . -7.31 -6.58 11.90
C7N NDP C . -8.70 -6.81 11.33
O7N NDP C . -9.11 -7.99 11.16
N7N NDP C . -9.41 -5.75 11.00
C4N NDP C . -6.94 -5.26 12.39
C5N NDP C . -5.61 -5.04 12.92
C6N NDP C . -4.69 -6.10 12.95
P2B NDP C . 5.30 -12.41 9.94
O1X NDP C . 3.75 -12.69 9.82
O2X NDP C . 6.08 -13.76 9.49
O3X NDP C . 5.58 -12.38 11.50
O7 PYC D . -6.35 -4.28 16.12
O8 PYC D . -6.10 -6.32 16.88
C1 PYC D . -6.74 -5.46 16.25
C2 PYC D . -7.99 -5.86 15.65
C3 PYC D . -9.11 -5.19 15.26
C4 PYC D . -10.00 -6.11 14.73
C5 PYC D . -9.40 -7.37 14.80
N6 PYC D . -8.20 -7.18 15.34
PA NDP E . 6.48 13.05 2.16
O1A NDP E . 7.20 12.32 3.23
O2A NDP E . 6.48 14.54 2.14
O5B NDP E . 4.75 13.06 1.82
C5B NDP E . 4.22 11.82 1.76
C4B NDP E . 2.98 12.38 1.47
O4B NDP E . 2.63 12.56 2.89
C3B NDP E . 2.05 13.17 0.64
O3B NDP E . 0.96 12.43 0.21
C2B NDP E . 1.83 14.30 1.64
O2B NDP E . 0.98 15.31 1.30
C1B NDP E . 1.57 13.53 2.97
N9A NDP E . 1.92 14.28 4.20
C8A NDP E . 3.19 14.82 4.48
N7A NDP E . 3.27 15.45 5.64
C5A NDP E . 2.02 15.33 6.14
C6A NDP E . 1.44 15.78 7.38
N6A NDP E . 2.17 16.46 8.28
N1A NDP E . 0.10 15.49 7.61
C2A NDP E . -0.64 14.78 6.69
N3A NDP E . -0.18 14.30 5.48
C4A NDP E . 1.16 14.61 5.28
O3 NDP E . 7.02 12.64 0.73
PN NDP E . 8.22 11.57 0.39
O1N NDP E . 7.88 10.30 0.76
O2N NDP E . 9.31 12.26 0.77
O5D NDP E . 7.97 11.88 -1.32
C5D NDP E . 8.18 13.06 -2.16
C4D NDP E . 8.32 12.30 -3.34
O4D NDP E . 9.35 11.94 -4.25
C3D NDP E . 6.99 11.80 -4.01
O3D NDP E . 6.34 12.73 -4.86
C2D NDP E . 7.46 10.58 -4.71
O2D NDP E . 6.61 10.08 -5.69
C1D NDP E . 8.85 10.98 -5.16
N1N NDP E . 9.66 9.78 -5.25
C2N NDP E . 9.67 9.25 -6.54
C3N NDP E . 10.37 8.08 -6.80
C7N NDP E . 10.38 7.49 -8.19
O7N NDP E . 9.99 8.18 -9.17
N7N NDP E . 10.77 6.23 -8.31
C4N NDP E . 11.07 7.42 -5.72
C5N NDP E . 11.05 7.98 -4.40
C6N NDP E . 10.34 9.17 -4.16
P2B NDP E . 1.39 16.23 0.36
O1X NDP E . 1.67 15.75 -1.13
O2X NDP E . 0.29 17.42 0.30
O3X NDP E . 2.71 17.04 0.75
O7 PYC F . 14.25 8.70 -4.20
O8 PYC F . 13.94 10.74 -4.93
C1 PYC F . 14.07 9.52 -5.13
C2 PYC F . 14.01 9.06 -6.49
C3 PYC F . 14.44 7.91 -7.13
C4 PYC F . 14.09 8.00 -8.45
C5 PYC F . 13.45 9.21 -8.65
N6 PYC F . 13.41 9.82 -7.45
#